data_1H17
#
_entry.id   1H17
#
_cell.length_a   54.938
_cell.length_b   153.169
_cell.length_c   205.909
_cell.angle_alpha   90.00
_cell.angle_beta   90.00
_cell.angle_gamma   90.00
#
_symmetry.space_group_name_H-M   'C 2 2 21'
#
loop_
_entity.id
_entity.type
_entity.pdbx_description
1 polymer 'FORMATE ACETYLTRANSFERASE 1'
2 non-polymer 'COENZYME A'
3 non-polymer 'OXAMIC ACID'
4 non-polymer 'SODIUM ION'
5 non-polymer 'MAGNESIUM ION'
6 non-polymer L-TREITOL
7 non-polymer 'TETRAETHYLENE GLYCOL'
8 water water
#
_entity_poly.entity_id   1
_entity_poly.type   'polypeptide(L)'
_entity_poly.pdbx_seq_one_letter_code
;SELNEKLATAWEGFTKGDWQNEVNVRDFIQKNYTPYEGDESFLAGATEATTTLWDKVMEGVKLENRTHAPVDFDTAVAST
ITSHDAGYINKQLEKIVGLQTEAPLKRALIPFGGIKMIEGSCKAYNRELDPMIKKIFTEYRKTHNQGVFDVYTPDILRCR
KSGVLTGLPDAYGRGRIIGDYRRVALYGIDYLMKDKLAQFTSLQADLENGVNLEQTIRLREEIAEQHRALGQMKEMAAKY
GYDISGPATNAQEAIQWTYFGYLAAVKSQNGAAMSFGRTSTFLDVYIERDLKAGKITEQEAQEMVDHLVMKLRMVRFLRT
PEYDELFSGDPIWATESIGGMGLDGRTLVTKNSFRFLNTLYTMGPSPEPNMTILWSEKLPLNFKKFAAKVSIDTSSLQYE
NDDLMRPDFNNDDYAIACCVSPMIVGKQMQFFGARANLAKTMLYAINGGVDEKLKMQVGPKSEPIKGDVLNYDEVMERMD
HFMDWLAKQYITALNIIHYMHDKYSYEASLMALHDRDVIRTMACGIAGLSVAADSLSAIKYAKVKPIRDEDGLAIDFEIE
GEYPQFGNNDPRVDDLAVDLVERFMKKIQKLHTYRDAIPTQSVLTITSNVVYGKKTGNTPDGRRAGAPFGPGANPMHGRD
QKGAVASLTSVAKLPFAYAKDGISYTFSIVPNALGKDDEVRKTNLAGLMDGYFHHEASIEGGQHLNVNVMNREMLLDAME
NPEKYPQLTIRVSGYAVRFNSLTKEQQQDVITRTFTQSM
;
_entity_poly.pdbx_strand_id   A
#
# COMPACT_ATOMS: atom_id res chain seq x y z
N SER A 1 25.41 5.91 26.73
CA SER A 1 25.69 7.02 27.68
C SER A 1 27.06 7.64 27.42
N GLU A 2 27.48 7.63 26.16
CA GLU A 2 28.78 8.20 25.79
C GLU A 2 29.00 7.98 24.30
N LEU A 3 28.67 8.97 23.49
CA LEU A 3 28.84 8.84 22.04
C LEU A 3 30.31 8.70 21.64
N ASN A 4 30.60 7.60 20.94
CA ASN A 4 31.95 7.30 20.48
C ASN A 4 32.39 8.24 19.36
N GLU A 5 33.60 7.98 18.84
CA GLU A 5 34.16 8.80 17.77
C GLU A 5 33.29 8.77 16.53
N LYS A 6 32.71 7.60 16.24
CA LYS A 6 31.87 7.46 15.07
C LYS A 6 30.68 8.42 15.06
N LEU A 7 29.98 8.52 16.19
CA LEU A 7 28.83 9.41 16.30
C LEU A 7 29.27 10.87 16.18
N ALA A 8 30.35 11.21 16.89
CA ALA A 8 30.87 12.57 16.87
C ALA A 8 31.03 13.15 15.46
N THR A 9 31.84 12.49 14.65
CA THR A 9 32.08 12.95 13.29
C THR A 9 30.81 13.06 12.46
N ALA A 10 29.97 12.03 12.53
CA ALA A 10 28.74 12.01 11.77
C ALA A 10 27.74 13.08 12.16
N TRP A 11 27.67 13.40 13.45
CA TRP A 11 26.68 14.37 13.92
C TRP A 11 27.17 15.80 14.09
N GLU A 12 28.35 16.11 13.56
CA GLU A 12 28.91 17.46 13.68
C GLU A 12 28.01 18.55 13.11
N GLY A 13 27.70 19.55 13.93
CA GLY A 13 26.86 20.64 13.50
C GLY A 13 25.37 20.46 13.77
N PHE A 14 24.95 19.23 14.04
CA PHE A 14 23.54 18.97 14.31
C PHE A 14 23.10 19.49 15.67
N THR A 15 21.87 19.99 15.73
CA THR A 15 21.30 20.50 16.98
C THR A 15 21.04 19.30 17.88
N LYS A 16 21.51 19.42 19.13
CA LYS A 16 21.41 18.35 20.11
C LYS A 16 20.05 18.15 20.76
N GLY A 17 19.85 16.96 21.31
CA GLY A 17 18.61 16.64 21.98
C GLY A 17 18.51 15.16 22.28
N ASP A 18 17.34 14.73 22.73
CA ASP A 18 17.08 13.33 23.07
C ASP A 18 17.56 12.33 22.01
N TRP A 19 17.43 12.71 20.74
CA TRP A 19 17.82 11.81 19.65
C TRP A 19 19.25 11.29 19.74
N GLN A 20 20.11 12.00 20.46
CA GLN A 20 21.49 11.56 20.59
C GLN A 20 21.68 10.54 21.70
N ASN A 21 20.69 10.42 22.59
CA ASN A 21 20.78 9.54 23.73
C ASN A 21 19.86 8.32 23.70
N GLU A 22 18.93 8.30 22.74
CA GLU A 22 17.99 7.20 22.59
C GLU A 22 17.58 7.20 21.14
N VAL A 23 17.04 6.08 20.64
CA VAL A 23 16.59 6.06 19.25
C VAL A 23 15.34 6.92 19.18
N ASN A 24 15.43 8.04 18.48
CA ASN A 24 14.30 8.96 18.37
C ASN A 24 14.48 9.77 17.09
N VAL A 25 14.12 9.17 15.96
CA VAL A 25 14.28 9.85 14.68
C VAL A 25 13.43 11.12 14.55
N ARG A 26 12.23 11.12 15.08
CA ARG A 26 11.39 12.31 14.98
C ARG A 26 12.05 13.51 15.65
N ASP A 27 12.62 13.29 16.83
CA ASP A 27 13.27 14.37 17.55
C ASP A 27 14.43 14.94 16.71
N PHE A 28 15.19 14.05 16.08
CA PHE A 28 16.30 14.48 15.24
C PHE A 28 15.78 15.35 14.10
N ILE A 29 14.72 14.90 13.43
CA ILE A 29 14.18 15.68 12.32
C ILE A 29 13.71 17.05 12.81
N GLN A 30 12.87 17.06 13.84
CA GLN A 30 12.36 18.32 14.38
C GLN A 30 13.42 19.36 14.71
N LYS A 31 14.51 18.91 15.32
CA LYS A 31 15.58 19.81 15.72
C LYS A 31 16.56 20.19 14.61
N ASN A 32 16.48 19.49 13.47
CA ASN A 32 17.45 19.73 12.41
C ASN A 32 17.04 20.05 10.98
N TYR A 33 15.80 19.75 10.60
CA TYR A 33 15.41 20.01 9.22
C TYR A 33 15.18 21.50 8.95
N THR A 34 15.25 21.85 7.67
CA THR A 34 15.06 23.23 7.25
C THR A 34 13.80 23.36 6.40
N PRO A 35 12.74 23.97 6.96
CA PRO A 35 11.49 24.12 6.20
C PRO A 35 11.81 24.91 4.93
N TYR A 36 11.19 24.53 3.82
CA TYR A 36 11.42 25.22 2.54
C TYR A 36 10.11 25.70 1.97
N GLU A 37 9.99 27.02 1.83
CA GLU A 37 8.76 27.61 1.30
C GLU A 37 8.94 28.15 -0.11
N GLY A 38 10.12 27.96 -0.68
CA GLY A 38 10.40 28.44 -2.03
C GLY A 38 9.77 27.59 -3.11
N ASP A 39 10.13 27.87 -4.37
CA ASP A 39 9.57 27.11 -5.49
C ASP A 39 10.57 26.13 -6.10
N GLU A 40 10.18 25.54 -7.24
CA GLU A 40 11.01 24.55 -7.92
C GLU A 40 12.16 25.09 -8.76
N SER A 41 12.35 26.40 -8.78
CA SER A 41 13.39 27.00 -9.63
C SER A 41 14.84 26.58 -9.40
N PHE A 42 15.12 26.05 -8.22
CA PHE A 42 16.49 25.61 -7.88
C PHE A 42 16.84 24.22 -8.40
N LEU A 43 15.84 23.47 -8.87
CA LEU A 43 16.06 22.09 -9.33
C LEU A 43 17.01 21.88 -10.50
N ALA A 44 17.84 20.84 -10.36
CA ALA A 44 18.80 20.47 -11.39
C ALA A 44 18.21 19.34 -12.22
N GLY A 45 18.76 19.14 -13.42
CA GLY A 45 18.30 18.07 -14.28
C GLY A 45 19.13 16.82 -14.06
N ALA A 46 18.85 15.79 -14.85
CA ALA A 46 19.57 14.52 -14.74
C ALA A 46 21.00 14.60 -15.24
N THR A 47 21.88 13.77 -14.67
CA THR A 47 23.28 13.71 -15.12
C THR A 47 23.32 12.66 -16.23
N GLU A 48 24.42 12.60 -16.98
CA GLU A 48 24.53 11.60 -18.04
C GLU A 48 24.49 10.19 -17.44
N ALA A 49 25.09 10.02 -16.27
CA ALA A 49 25.12 8.73 -15.60
C ALA A 49 23.72 8.23 -15.29
N THR A 50 22.88 9.11 -14.76
CA THR A 50 21.51 8.76 -14.42
C THR A 50 20.73 8.30 -15.65
N THR A 51 20.85 9.05 -16.73
CA THR A 51 20.15 8.70 -17.97
C THR A 51 20.67 7.41 -18.58
N THR A 52 21.99 7.22 -18.55
CA THR A 52 22.59 5.99 -19.09
C THR A 52 22.08 4.78 -18.30
N LEU A 53 22.07 4.92 -16.98
CA LEU A 53 21.60 3.86 -16.10
C LEU A 53 20.12 3.54 -16.29
N TRP A 54 19.26 4.55 -16.21
CA TRP A 54 17.82 4.30 -16.33
C TRP A 54 17.40 3.80 -17.71
N ASP A 55 18.00 4.36 -18.76
CA ASP A 55 17.68 3.92 -20.12
C ASP A 55 17.96 2.42 -20.27
N LYS A 56 19.02 1.95 -19.63
CA LYS A 56 19.38 0.54 -19.71
C LYS A 56 18.34 -0.30 -18.97
N VAL A 57 18.00 0.13 -17.77
CA VAL A 57 17.02 -0.59 -16.95
C VAL A 57 15.65 -0.64 -17.62
N MET A 58 15.26 0.45 -18.29
CA MET A 58 13.96 0.48 -18.96
C MET A 58 13.79 -0.62 -20.00
N GLU A 59 14.90 -1.13 -20.55
CA GLU A 59 14.81 -2.20 -21.53
C GLU A 59 14.33 -3.46 -20.83
N GLY A 60 14.71 -3.63 -19.57
CA GLY A 60 14.26 -4.78 -18.81
C GLY A 60 12.79 -4.60 -18.48
N VAL A 61 12.39 -3.37 -18.19
CA VAL A 61 11.00 -3.06 -17.87
C VAL A 61 10.12 -3.31 -19.09
N LYS A 62 10.59 -2.91 -20.27
CA LYS A 62 9.82 -3.13 -21.48
C LYS A 62 9.61 -4.63 -21.68
N LEU A 63 10.66 -5.41 -21.43
CA LEU A 63 10.60 -6.86 -21.56
C LEU A 63 9.55 -7.41 -20.60
N GLU A 64 9.58 -6.95 -19.34
CA GLU A 64 8.60 -7.41 -18.36
C GLU A 64 7.17 -7.12 -18.84
N ASN A 65 6.95 -5.91 -19.34
CA ASN A 65 5.62 -5.52 -19.79
C ASN A 65 5.14 -6.27 -21.02
N ARG A 66 6.00 -6.48 -22.02
CA ARG A 66 5.51 -7.17 -23.20
C ARG A 66 5.31 -8.67 -22.97
N THR A 67 6.12 -9.28 -22.11
CA THR A 67 5.99 -10.71 -21.83
C THR A 67 5.07 -10.98 -20.64
N HIS A 68 4.78 -9.93 -19.88
CA HIS A 68 3.95 -10.04 -18.67
C HIS A 68 4.55 -11.12 -17.79
N ALA A 69 5.87 -11.11 -17.67
CA ALA A 69 6.60 -12.10 -16.87
C ALA A 69 7.92 -11.53 -16.41
N PRO A 70 8.57 -12.20 -15.44
CA PRO A 70 9.87 -11.72 -14.96
C PRO A 70 10.95 -11.80 -16.03
N VAL A 71 11.94 -10.93 -15.91
CA VAL A 71 13.07 -10.93 -16.82
C VAL A 71 13.84 -12.22 -16.56
N ASP A 72 13.87 -12.61 -15.28
CA ASP A 72 14.60 -13.80 -14.83
C ASP A 72 14.28 -13.97 -13.34
N PHE A 73 14.57 -15.14 -12.81
CA PHE A 73 14.40 -15.41 -11.39
C PHE A 73 15.17 -16.64 -10.95
N ASP A 74 15.50 -16.69 -9.67
CA ASP A 74 16.22 -17.81 -9.09
C ASP A 74 15.37 -19.07 -9.08
N THR A 75 16.02 -20.22 -9.21
CA THR A 75 15.31 -21.50 -9.17
C THR A 75 15.99 -22.42 -8.15
N ALA A 76 17.14 -22.00 -7.62
CA ALA A 76 17.88 -22.83 -6.69
C ALA A 76 18.48 -22.16 -5.46
N VAL A 77 18.15 -20.89 -5.25
CA VAL A 77 18.70 -20.17 -4.10
C VAL A 77 17.60 -19.62 -3.21
N ALA A 78 17.65 -19.93 -1.92
CA ALA A 78 16.67 -19.42 -0.96
C ALA A 78 17.20 -18.06 -0.53
N SER A 79 16.46 -17.00 -0.82
CA SER A 79 16.95 -15.66 -0.48
C SER A 79 16.91 -15.30 0.99
N THR A 80 17.99 -14.65 1.42
CA THR A 80 18.14 -14.18 2.79
C THR A 80 18.84 -12.82 2.66
N ILE A 81 19.11 -12.17 3.78
CA ILE A 81 19.80 -10.88 3.74
C ILE A 81 21.18 -11.00 3.11
N THR A 82 21.87 -12.11 3.38
CA THR A 82 23.24 -12.32 2.88
C THR A 82 23.42 -13.34 1.76
N SER A 83 22.34 -13.95 1.29
CA SER A 83 22.48 -14.98 0.27
C SER A 83 23.13 -14.55 -1.05
N HIS A 84 22.75 -13.40 -1.58
CA HIS A 84 23.29 -12.97 -2.87
C HIS A 84 24.53 -12.09 -2.84
N ASP A 85 25.34 -12.24 -3.88
CA ASP A 85 26.53 -11.42 -4.05
C ASP A 85 26.04 -10.05 -4.50
N ALA A 86 26.94 -9.07 -4.48
CA ALA A 86 26.59 -7.73 -4.91
C ALA A 86 26.22 -7.73 -6.38
N GLY A 87 25.21 -6.96 -6.73
CA GLY A 87 24.79 -6.88 -8.12
C GLY A 87 24.75 -5.42 -8.54
N TYR A 88 25.01 -5.14 -9.82
CA TYR A 88 25.01 -3.77 -10.31
C TYR A 88 24.38 -3.59 -11.68
N ILE A 89 24.04 -2.34 -12.00
CA ILE A 89 23.51 -1.97 -13.31
C ILE A 89 24.78 -1.62 -14.08
N ASN A 90 25.61 -0.77 -13.47
CA ASN A 90 26.90 -0.34 -13.99
C ASN A 90 27.63 0.29 -12.80
N LYS A 91 28.48 -0.51 -12.17
CA LYS A 91 29.20 -0.10 -10.98
C LYS A 91 29.98 1.21 -11.11
N GLN A 92 30.44 1.51 -12.32
CA GLN A 92 31.20 2.75 -12.53
C GLN A 92 30.34 4.00 -12.44
N LEU A 93 29.02 3.86 -12.67
CA LEU A 93 28.13 5.02 -12.67
C LEU A 93 27.21 5.23 -11.45
N GLU A 94 26.91 4.17 -10.72
CA GLU A 94 25.98 4.27 -9.60
C GLU A 94 26.52 4.98 -8.36
N LYS A 95 25.74 5.95 -7.86
CA LYS A 95 26.07 6.73 -6.67
C LYS A 95 25.44 6.10 -5.42
N ILE A 96 24.38 5.32 -5.63
CA ILE A 96 23.66 4.62 -4.56
C ILE A 96 23.55 3.20 -5.12
N VAL A 97 24.04 2.22 -4.37
CA VAL A 97 24.05 0.85 -4.83
C VAL A 97 23.22 -0.13 -4.01
N GLY A 98 22.99 -1.29 -4.62
CA GLY A 98 22.24 -2.34 -3.96
C GLY A 98 21.08 -2.90 -4.76
N LEU A 99 21.13 -4.20 -5.03
CA LEU A 99 20.06 -4.91 -5.74
C LEU A 99 19.66 -6.13 -4.91
N GLN A 100 18.42 -6.59 -5.09
CA GLN A 100 17.95 -7.76 -4.35
C GLN A 100 18.75 -9.01 -4.65
N THR A 101 18.99 -9.28 -5.93
CA THR A 101 19.80 -10.44 -6.30
C THR A 101 21.08 -9.93 -6.96
N GLU A 102 21.75 -10.79 -7.73
CA GLU A 102 23.00 -10.37 -8.37
C GLU A 102 22.82 -9.65 -9.71
N ALA A 103 21.59 -9.55 -10.18
CA ALA A 103 21.32 -8.90 -11.45
C ALA A 103 20.06 -8.05 -11.41
N PRO A 104 20.05 -6.92 -12.14
CA PRO A 104 18.88 -6.04 -12.17
C PRO A 104 17.60 -6.78 -12.58
N LEU A 105 16.55 -6.55 -11.81
CA LEU A 105 15.23 -7.12 -12.06
C LEU A 105 15.12 -8.65 -11.96
N LYS A 106 16.20 -9.34 -11.61
CA LYS A 106 16.13 -10.79 -11.46
C LYS A 106 15.43 -11.01 -10.11
N ARG A 107 14.34 -11.78 -10.12
CA ARG A 107 13.56 -12.00 -8.90
C ARG A 107 14.04 -13.19 -8.08
N ALA A 108 13.91 -13.07 -6.76
CA ALA A 108 14.36 -14.11 -5.84
C ALA A 108 13.28 -15.09 -5.44
N LEU A 109 13.71 -16.15 -4.76
CA LEU A 109 12.81 -17.15 -4.20
C LEU A 109 12.86 -16.83 -2.70
N ILE A 110 11.69 -16.58 -2.11
CA ILE A 110 11.59 -16.26 -0.68
C ILE A 110 10.63 -17.34 -0.19
N PRO A 111 11.16 -18.56 0.03
CA PRO A 111 10.43 -19.75 0.45
C PRO A 111 9.78 -19.84 1.82
N PHE A 112 10.22 -19.03 2.78
CA PHE A 112 9.63 -19.12 4.11
C PHE A 112 8.13 -18.88 4.05
N GLY A 113 7.68 -18.12 3.06
CA GLY A 113 6.25 -17.83 2.96
C GLY A 113 5.40 -18.96 2.37
N GLY A 114 6.04 -19.87 1.65
CA GLY A 114 5.30 -20.97 1.04
C GLY A 114 6.04 -21.53 -0.15
N ILE A 115 5.97 -22.85 -0.31
CA ILE A 115 6.67 -23.50 -1.42
C ILE A 115 5.76 -23.72 -2.62
N LYS A 116 4.47 -23.97 -2.38
CA LYS A 116 3.54 -24.20 -3.48
C LYS A 116 3.44 -22.99 -4.41
N MET A 117 3.54 -21.78 -3.86
CA MET A 117 3.47 -20.59 -4.69
C MET A 117 4.69 -20.52 -5.63
N ILE A 118 5.85 -20.89 -5.12
CA ILE A 118 7.06 -20.89 -5.93
C ILE A 118 6.90 -21.93 -7.04
N GLU A 119 6.36 -23.11 -6.70
CA GLU A 119 6.16 -24.13 -7.71
C GLU A 119 5.21 -23.60 -8.78
N GLY A 120 4.21 -22.85 -8.34
CA GLY A 120 3.24 -22.28 -9.27
C GLY A 120 3.86 -21.27 -10.23
N SER A 121 4.77 -20.45 -9.72
CA SER A 121 5.45 -19.46 -10.56
C SER A 121 6.41 -20.14 -11.54
N CYS A 122 7.11 -21.17 -11.08
CA CYS A 122 8.03 -21.88 -11.96
C CYS A 122 7.29 -22.48 -13.14
N LYS A 123 6.13 -23.07 -12.85
CA LYS A 123 5.31 -23.68 -13.89
C LYS A 123 4.77 -22.63 -14.84
N ALA A 124 4.27 -21.53 -14.28
CA ALA A 124 3.71 -20.45 -15.09
C ALA A 124 4.72 -19.76 -16.00
N TYR A 125 5.97 -19.65 -15.56
CA TYR A 125 6.98 -18.97 -16.36
C TYR A 125 7.99 -19.89 -17.01
N ASN A 126 7.65 -21.17 -17.08
CA ASN A 126 8.49 -22.19 -17.71
C ASN A 126 9.91 -22.31 -17.20
N ARG A 127 10.07 -22.45 -15.89
CA ARG A 127 11.38 -22.63 -15.29
C ARG A 127 11.25 -23.84 -14.38
N GLU A 128 12.36 -24.53 -14.15
CA GLU A 128 12.35 -25.72 -13.31
C GLU A 128 12.89 -25.45 -11.91
N LEU A 129 12.08 -25.75 -10.90
CA LEU A 129 12.50 -25.54 -9.51
C LEU A 129 13.53 -26.57 -9.11
N ASP A 130 14.55 -26.16 -8.36
CA ASP A 130 15.56 -27.10 -7.91
C ASP A 130 14.87 -28.00 -6.88
N PRO A 131 14.98 -29.33 -7.05
CA PRO A 131 14.34 -30.28 -6.13
C PRO A 131 14.73 -30.08 -4.66
N MET A 132 15.95 -29.65 -4.43
CA MET A 132 16.45 -29.43 -3.06
C MET A 132 15.64 -28.34 -2.35
N ILE A 133 15.33 -27.26 -3.07
CA ILE A 133 14.53 -26.17 -2.50
C ILE A 133 13.15 -26.71 -2.08
N LYS A 134 12.54 -27.48 -2.97
CA LYS A 134 11.23 -28.05 -2.69
C LYS A 134 11.30 -28.96 -1.47
N LYS A 135 12.33 -29.80 -1.40
CA LYS A 135 12.48 -30.71 -0.27
C LYS A 135 12.65 -29.96 1.06
N ILE A 136 13.58 -29.01 1.09
CA ILE A 136 13.82 -28.25 2.31
C ILE A 136 12.57 -27.59 2.85
N PHE A 137 11.80 -26.95 1.98
CA PHE A 137 10.63 -26.24 2.43
C PHE A 137 9.31 -26.99 2.45
N THR A 138 9.42 -28.31 2.45
N THR A 138 9.43 -28.33 2.48
CA THR A 138 8.24 -29.17 2.53
CA THR A 138 8.27 -29.22 2.55
C THR A 138 8.45 -30.04 3.77
C THR A 138 8.57 -30.35 3.56
N GLU A 139 9.66 -30.55 3.93
N GLU A 139 9.83 -30.51 3.91
CA GLU A 139 9.97 -31.43 5.05
CA GLU A 139 10.25 -31.56 4.84
C GLU A 139 10.76 -30.84 6.21
C GLU A 139 11.01 -31.06 6.06
N TYR A 140 11.68 -29.92 5.94
CA TYR A 140 12.48 -29.37 7.03
C TYR A 140 12.01 -28.04 7.63
N ARG A 141 11.79 -27.04 6.77
CA ARG A 141 11.32 -25.75 7.24
C ARG A 141 9.87 -25.58 6.78
N LYS A 142 8.94 -25.60 7.72
CA LYS A 142 7.54 -25.42 7.39
C LYS A 142 7.35 -23.98 6.96
N THR A 143 6.38 -23.77 6.08
CA THR A 143 6.12 -22.44 5.57
C THR A 143 4.84 -21.83 6.12
N HIS A 144 4.75 -20.50 5.99
CA HIS A 144 3.58 -19.75 6.42
C HIS A 144 2.34 -20.32 5.74
N ASN A 145 2.40 -20.46 4.43
CA ASN A 145 1.28 -21.00 3.66
C ASN A 145 0.80 -22.35 4.20
N GLN A 146 1.71 -23.28 4.47
CA GLN A 146 1.25 -24.59 4.95
C GLN A 146 0.73 -24.52 6.37
N GLY A 147 1.30 -23.63 7.19
CA GLY A 147 0.82 -23.49 8.54
C GLY A 147 -0.63 -23.01 8.53
N VAL A 148 -0.93 -22.07 7.64
CA VAL A 148 -2.29 -21.54 7.53
C VAL A 148 -3.25 -22.61 7.04
N PHE A 149 -2.90 -23.28 5.95
CA PHE A 149 -3.81 -24.29 5.43
C PHE A 149 -3.99 -25.51 6.34
N ASP A 150 -3.05 -25.71 7.26
CA ASP A 150 -3.17 -26.83 8.20
C ASP A 150 -4.24 -26.50 9.26
N VAL A 151 -4.46 -25.20 9.49
CA VAL A 151 -5.38 -24.75 10.53
C VAL A 151 -6.71 -24.15 10.06
N TYR A 152 -6.80 -23.85 8.77
CA TYR A 152 -8.04 -23.29 8.20
C TYR A 152 -9.25 -24.21 8.48
N THR A 153 -10.44 -23.65 8.34
CA THR A 153 -11.69 -24.40 8.53
C THR A 153 -12.32 -24.63 7.16
N PRO A 154 -13.20 -25.63 7.06
CA PRO A 154 -13.87 -25.90 5.77
C PRO A 154 -14.65 -24.67 5.35
N ASP A 155 -15.18 -23.95 6.34
CA ASP A 155 -15.98 -22.74 6.10
C ASP A 155 -15.14 -21.66 5.44
N ILE A 156 -13.95 -21.42 5.97
CA ILE A 156 -13.08 -20.40 5.38
C ILE A 156 -12.68 -20.82 3.97
N LEU A 157 -12.45 -22.11 3.77
CA LEU A 157 -12.09 -22.59 2.43
C LEU A 157 -13.24 -22.38 1.45
N ARG A 158 -14.47 -22.57 1.91
CA ARG A 158 -15.63 -22.36 1.02
C ARG A 158 -15.74 -20.89 0.67
N CYS A 159 -15.46 -20.02 1.63
CA CYS A 159 -15.53 -18.57 1.39
C CYS A 159 -14.46 -18.14 0.40
N ARG A 160 -13.30 -18.79 0.48
CA ARG A 160 -12.17 -18.49 -0.42
C ARG A 160 -12.55 -18.91 -1.84
N LYS A 161 -13.09 -20.11 -1.95
CA LYS A 161 -13.49 -20.65 -3.24
C LYS A 161 -14.62 -19.88 -3.92
N SER A 162 -15.62 -19.47 -3.13
CA SER A 162 -16.79 -18.78 -3.66
C SER A 162 -16.62 -17.32 -3.99
N GLY A 163 -15.53 -16.72 -3.53
CA GLY A 163 -15.35 -15.31 -3.84
C GLY A 163 -15.99 -14.34 -2.86
N VAL A 164 -16.25 -14.78 -1.63
CA VAL A 164 -16.80 -13.85 -0.65
C VAL A 164 -15.63 -13.36 0.24
N LEU A 165 -14.60 -14.19 0.39
CA LEU A 165 -13.43 -13.85 1.19
C LEU A 165 -12.27 -14.54 0.48
N THR A 166 -11.65 -13.82 -0.45
CA THR A 166 -10.58 -14.37 -1.29
C THR A 166 -9.41 -13.40 -1.40
N GLY A 167 -8.21 -13.93 -1.61
CA GLY A 167 -7.04 -13.10 -1.77
C GLY A 167 -6.39 -12.65 -0.47
N LEU A 168 -6.72 -13.31 0.64
CA LEU A 168 -6.13 -12.96 1.93
C LEU A 168 -4.67 -13.41 1.91
N PRO A 169 -3.85 -12.88 2.84
CA PRO A 169 -2.43 -13.22 2.93
C PRO A 169 -2.07 -14.62 3.37
N ASP A 170 -2.60 -15.64 2.70
CA ASP A 170 -2.28 -17.02 3.04
C ASP A 170 -1.33 -17.63 2.01
N ALA A 171 -0.99 -16.84 0.98
CA ALA A 171 -0.11 -17.31 -0.08
C ALA A 171 0.90 -16.28 -0.60
N TYR A 172 1.19 -15.27 0.22
CA TYR A 172 2.15 -14.23 -0.13
C TYR A 172 2.48 -13.48 1.17
N GLY A 173 3.59 -12.75 1.20
CA GLY A 173 3.95 -12.03 2.42
C GLY A 173 2.92 -10.99 2.81
N ARG A 174 2.59 -10.89 4.09
CA ARG A 174 1.57 -9.95 4.53
C ARG A 174 1.94 -8.47 4.32
N GLY A 175 3.23 -8.15 4.41
CA GLY A 175 3.64 -6.77 4.23
C GLY A 175 3.01 -5.83 5.26
N ARG A 176 2.72 -4.60 4.84
CA ARG A 176 2.12 -3.57 5.71
C ARG A 176 3.02 -3.29 6.93
N ILE A 177 4.32 -3.45 6.75
CA ILE A 177 5.30 -3.18 7.79
C ILE A 177 6.35 -2.24 7.20
N ILE A 178 6.64 -1.17 7.93
CA ILE A 178 7.64 -0.21 7.49
C ILE A 178 8.67 -0.06 8.59
N GLY A 179 9.82 -0.68 8.41
CA GLY A 179 10.86 -0.53 9.41
C GLY A 179 11.33 0.91 9.24
N ASP A 180 11.86 1.52 10.30
CA ASP A 180 12.35 2.89 10.14
C ASP A 180 13.76 2.80 9.59
N TYR A 181 13.87 2.78 8.26
CA TYR A 181 15.17 2.64 7.61
C TYR A 181 16.08 3.85 7.87
N ARG A 182 15.48 4.98 8.25
CA ARG A 182 16.24 6.18 8.56
C ARG A 182 17.15 5.92 9.76
N ARG A 183 16.75 4.99 10.63
CA ARG A 183 17.54 4.66 11.82
C ARG A 183 18.95 4.18 11.47
N VAL A 184 19.09 3.47 10.36
CA VAL A 184 20.40 2.97 9.97
C VAL A 184 21.33 4.14 9.69
N ALA A 185 20.85 5.12 8.94
CA ALA A 185 21.66 6.31 8.63
C ALA A 185 21.96 7.15 9.88
N LEU A 186 20.94 7.38 10.70
CA LEU A 186 21.13 8.22 11.87
C LEU A 186 22.02 7.64 12.97
N TYR A 187 21.88 6.34 13.23
CA TYR A 187 22.64 5.71 14.31
C TYR A 187 23.73 4.71 13.95
N GLY A 188 23.64 4.10 12.77
CA GLY A 188 24.61 3.09 12.40
C GLY A 188 24.13 1.77 12.99
N ILE A 189 24.57 0.64 12.42
CA ILE A 189 24.11 -0.64 12.92
C ILE A 189 24.52 -0.99 14.35
N ASP A 190 25.76 -0.71 14.73
CA ASP A 190 26.20 -1.07 16.08
C ASP A 190 25.36 -0.47 17.19
N TYR A 191 25.02 0.81 17.05
CA TYR A 191 24.21 1.51 18.05
C TYR A 191 22.84 0.85 18.14
N LEU A 192 22.25 0.51 17.00
CA LEU A 192 20.94 -0.12 17.00
C LEU A 192 20.99 -1.52 17.62
N MET A 193 22.09 -2.24 17.44
CA MET A 193 22.23 -3.57 18.02
C MET A 193 22.35 -3.49 19.55
N LYS A 194 23.08 -2.49 20.03
CA LYS A 194 23.22 -2.31 21.48
C LYS A 194 21.86 -1.96 22.08
N ASP A 195 21.10 -1.15 21.36
CA ASP A 195 19.77 -0.73 21.82
C ASP A 195 18.84 -1.97 21.86
N LYS A 196 18.97 -2.85 20.88
CA LYS A 196 18.13 -4.06 20.88
C LYS A 196 18.51 -5.01 22.02
N LEU A 197 19.79 -5.08 22.34
CA LEU A 197 20.19 -5.95 23.45
C LEU A 197 19.58 -5.39 24.74
N ALA A 198 19.54 -4.06 24.86
CA ALA A 198 18.94 -3.44 26.04
C ALA A 198 17.43 -3.75 26.12
N GLN A 199 16.74 -3.71 24.98
CA GLN A 199 15.32 -4.03 24.96
C GLN A 199 15.10 -5.48 25.38
N PHE A 200 15.94 -6.37 24.88
CA PHE A 200 15.87 -7.79 25.20
C PHE A 200 16.02 -7.98 26.71
N THR A 201 17.05 -7.34 27.28
CA THR A 201 17.34 -7.45 28.70
C THR A 201 16.21 -6.88 29.58
N SER A 202 15.53 -5.85 29.08
CA SER A 202 14.44 -5.23 29.84
C SER A 202 13.28 -6.19 30.07
N LEU A 203 13.24 -7.29 29.33
CA LEU A 203 12.15 -8.26 29.49
C LEU A 203 12.49 -9.39 30.46
N GLN A 204 13.71 -9.40 30.97
CA GLN A 204 14.12 -10.48 31.87
C GLN A 204 13.31 -10.61 33.16
N ALA A 205 13.01 -9.49 33.79
CA ALA A 205 12.25 -9.54 35.04
C ALA A 205 10.88 -10.20 34.85
N ASP A 206 10.14 -9.76 33.84
CA ASP A 206 8.82 -10.34 33.58
C ASP A 206 8.95 -11.83 33.30
N LEU A 207 9.98 -12.21 32.54
CA LEU A 207 10.21 -13.61 32.21
C LEU A 207 10.40 -14.43 33.50
N GLU A 208 11.31 -13.98 34.36
CA GLU A 208 11.59 -14.68 35.60
C GLU A 208 10.41 -14.68 36.56
N ASN A 209 9.62 -13.60 36.53
CA ASN A 209 8.48 -13.47 37.43
C ASN A 209 7.18 -14.06 36.93
N GLY A 210 7.23 -14.68 35.75
CA GLY A 210 6.04 -15.31 35.19
C GLY A 210 4.96 -14.35 34.72
N VAL A 211 5.34 -13.13 34.34
CA VAL A 211 4.37 -12.14 33.87
C VAL A 211 4.17 -12.31 32.36
N ASN A 212 2.95 -12.66 31.96
CA ASN A 212 2.63 -12.89 30.54
C ASN A 212 3.76 -13.72 29.95
N LEU A 213 3.99 -14.87 30.57
CA LEU A 213 5.05 -15.79 30.21
C LEU A 213 5.27 -16.07 28.72
N GLU A 214 4.26 -16.57 28.04
CA GLU A 214 4.40 -16.89 26.63
C GLU A 214 4.65 -15.65 25.76
N GLN A 215 3.99 -14.55 26.08
CA GLN A 215 4.18 -13.32 25.31
C GLN A 215 5.60 -12.79 25.51
N THR A 216 6.12 -12.94 26.72
CA THR A 216 7.47 -12.48 27.02
C THR A 216 8.52 -13.34 26.32
N ILE A 217 8.33 -14.65 26.30
CA ILE A 217 9.27 -15.54 25.62
C ILE A 217 9.24 -15.23 24.12
N ARG A 218 8.02 -15.11 23.57
CA ARG A 218 7.87 -14.80 22.15
C ARG A 218 8.60 -13.52 21.77
N LEU A 219 8.37 -12.46 22.53
CA LEU A 219 9.00 -11.18 22.23
C LEU A 219 10.52 -11.23 22.40
N ARG A 220 11.01 -11.93 23.42
CA ARG A 220 12.45 -12.04 23.59
C ARG A 220 13.08 -12.75 22.38
N GLU A 221 12.43 -13.79 21.86
CA GLU A 221 12.99 -14.47 20.69
C GLU A 221 12.93 -13.55 19.48
N GLU A 222 11.84 -12.81 19.34
CA GLU A 222 11.71 -11.88 18.22
C GLU A 222 12.84 -10.85 18.28
N ILE A 223 13.13 -10.32 19.47
CA ILE A 223 14.19 -9.33 19.59
C ILE A 223 15.56 -9.95 19.27
N ALA A 224 15.77 -11.21 19.67
CA ALA A 224 17.02 -11.89 19.36
C ALA A 224 17.16 -12.00 17.84
N GLU A 225 16.06 -12.34 17.16
CA GLU A 225 16.07 -12.45 15.70
C GLU A 225 16.33 -11.09 15.04
N GLN A 226 15.77 -10.04 15.62
CA GLN A 226 15.97 -8.67 15.11
C GLN A 226 17.45 -8.28 15.20
N HIS A 227 18.06 -8.61 16.34
CA HIS A 227 19.46 -8.32 16.61
C HIS A 227 20.33 -9.05 15.58
N ARG A 228 20.02 -10.32 15.33
CA ARG A 228 20.75 -11.14 14.37
C ARG A 228 20.59 -10.54 12.97
N ALA A 229 19.40 -10.05 12.65
CA ALA A 229 19.14 -9.45 11.34
C ALA A 229 19.97 -8.19 11.14
N LEU A 230 20.12 -7.39 12.21
CA LEU A 230 20.92 -6.18 12.13
C LEU A 230 22.35 -6.55 11.78
N GLY A 231 22.86 -7.60 12.41
CA GLY A 231 24.21 -8.05 12.13
C GLY A 231 24.35 -8.45 10.67
N GLN A 232 23.33 -9.15 10.15
CA GLN A 232 23.36 -9.59 8.76
C GLN A 232 23.33 -8.39 7.81
N MET A 233 22.67 -7.32 8.23
CA MET A 233 22.60 -6.11 7.42
C MET A 233 24.00 -5.57 7.17
N LYS A 234 24.86 -5.63 8.19
CA LYS A 234 26.24 -5.16 8.04
C LYS A 234 26.98 -6.03 7.02
N GLU A 235 26.78 -7.33 7.09
CA GLU A 235 27.44 -8.24 6.16
C GLU A 235 26.99 -7.96 4.72
N MET A 236 25.69 -7.70 4.58
CA MET A 236 25.11 -7.41 3.27
C MET A 236 25.76 -6.15 2.68
N ALA A 237 25.80 -5.09 3.47
CA ALA A 237 26.40 -3.83 3.00
C ALA A 237 27.87 -3.99 2.67
N ALA A 238 28.56 -4.82 3.43
CA ALA A 238 29.98 -5.05 3.20
C ALA A 238 30.25 -5.68 1.84
N LYS A 239 29.30 -6.47 1.33
CA LYS A 239 29.46 -7.09 0.01
C LYS A 239 29.56 -5.99 -1.04
N TYR A 240 28.96 -4.83 -0.73
CA TYR A 240 28.97 -3.70 -1.63
C TYR A 240 30.11 -2.71 -1.33
N GLY A 241 31.00 -3.10 -0.42
CA GLY A 241 32.12 -2.24 -0.08
C GLY A 241 31.85 -1.16 0.96
N TYR A 242 30.75 -1.30 1.70
CA TYR A 242 30.43 -0.31 2.71
C TYR A 242 30.42 -0.86 4.13
N ASP A 243 30.96 -0.07 5.05
CA ASP A 243 30.98 -0.41 6.47
C ASP A 243 29.91 0.46 7.12
N ILE A 244 28.76 -0.13 7.46
CA ILE A 244 27.69 0.63 8.06
C ILE A 244 27.55 0.43 9.57
N SER A 245 28.64 0.03 10.22
CA SER A 245 28.63 -0.20 11.66
C SER A 245 28.32 1.12 12.37
N GLY A 246 28.83 2.21 11.81
CA GLY A 246 28.62 3.53 12.40
C GLY A 246 27.62 4.35 11.60
N PRO A 247 27.17 5.50 12.14
CA PRO A 247 26.21 6.37 11.46
C PRO A 247 26.74 7.00 10.17
N ALA A 248 25.82 7.37 9.27
CA ALA A 248 26.18 7.99 8.01
C ALA A 248 26.80 9.35 8.32
N THR A 249 27.87 9.70 7.59
CA THR A 249 28.56 10.96 7.85
C THR A 249 28.32 12.07 6.84
N ASN A 250 27.58 11.77 5.77
CA ASN A 250 27.30 12.78 4.76
C ASN A 250 26.01 12.40 4.03
N ALA A 251 25.61 13.21 3.04
CA ALA A 251 24.38 12.96 2.31
C ALA A 251 24.37 11.63 1.55
N GLN A 252 25.44 11.36 0.82
CA GLN A 252 25.50 10.12 0.06
C GLN A 252 25.35 8.92 0.99
N GLU A 253 26.01 8.96 2.15
CA GLU A 253 25.92 7.85 3.08
C GLU A 253 24.56 7.76 3.76
N ALA A 254 23.93 8.89 4.05
CA ALA A 254 22.63 8.83 4.71
C ALA A 254 21.64 8.18 3.76
N ILE A 255 21.70 8.54 2.49
CA ILE A 255 20.81 7.97 1.49
C ILE A 255 21.13 6.47 1.32
N GLN A 256 22.42 6.16 1.23
CA GLN A 256 22.86 4.76 1.05
C GLN A 256 22.51 3.88 2.25
N TRP A 257 22.76 4.40 3.45
CA TRP A 257 22.48 3.66 4.68
C TRP A 257 20.98 3.38 4.80
N THR A 258 20.17 4.39 4.56
CA THR A 258 18.71 4.25 4.63
C THR A 258 18.27 3.17 3.63
N TYR A 259 18.78 3.26 2.41
CA TYR A 259 18.45 2.28 1.39
C TYR A 259 18.90 0.86 1.79
N PHE A 260 20.06 0.72 2.42
CA PHE A 260 20.52 -0.61 2.83
C PHE A 260 19.54 -1.21 3.83
N GLY A 261 18.98 -0.38 4.69
CA GLY A 261 18.01 -0.90 5.66
C GLY A 261 16.82 -1.48 4.91
N TYR A 262 16.39 -0.77 3.88
CA TYR A 262 15.26 -1.20 3.06
C TYR A 262 15.65 -2.41 2.22
N LEU A 263 16.88 -2.43 1.72
CA LEU A 263 17.33 -3.54 0.88
C LEU A 263 17.31 -4.86 1.66
N ALA A 264 17.71 -4.84 2.92
CA ALA A 264 17.67 -6.06 3.74
C ALA A 264 16.22 -6.55 3.82
N ALA A 265 15.28 -5.61 3.93
CA ALA A 265 13.86 -5.97 4.01
C ALA A 265 13.38 -6.68 2.74
N VAL A 266 13.70 -6.11 1.57
CA VAL A 266 13.24 -6.70 0.31
C VAL A 266 14.05 -7.90 -0.19
N LYS A 267 15.11 -8.24 0.54
CA LYS A 267 15.92 -9.42 0.21
C LYS A 267 15.40 -10.58 1.09
N SER A 268 14.79 -10.23 2.23
CA SER A 268 14.32 -11.24 3.17
C SER A 268 12.81 -11.49 3.27
N GLN A 269 12.02 -10.52 2.84
CA GLN A 269 10.57 -10.64 2.92
C GLN A 269 9.93 -10.27 1.59
N ASN A 270 8.80 -10.89 1.28
CA ASN A 270 8.11 -10.57 0.04
C ASN A 270 6.70 -10.04 0.31
N GLY A 271 6.57 -9.16 1.30
CA GLY A 271 5.28 -8.58 1.62
C GLY A 271 4.66 -7.95 0.37
N ALA A 272 3.34 -8.01 0.27
CA ALA A 272 2.65 -7.44 -0.89
C ALA A 272 3.09 -5.99 -1.01
N ALA A 273 2.98 -5.23 0.09
CA ALA A 273 3.45 -3.84 0.06
C ALA A 273 4.72 -3.73 0.92
N MET A 274 5.81 -3.27 0.31
CA MET A 274 7.07 -3.07 1.02
C MET A 274 7.35 -1.57 0.88
N SER A 275 6.65 -0.78 1.69
CA SER A 275 6.74 0.67 1.63
C SER A 275 8.05 1.24 2.20
N PHE A 276 8.46 2.39 1.66
CA PHE A 276 9.73 3.01 2.04
C PHE A 276 9.66 3.85 3.33
N GLY A 277 8.57 4.57 3.53
CA GLY A 277 8.41 5.37 4.74
C GLY A 277 8.23 6.85 4.53
N ARG A 278 8.82 7.66 5.40
CA ARG A 278 8.74 9.12 5.31
C ARG A 278 10.20 9.57 5.42
N THR A 279 10.90 9.47 4.30
CA THR A 279 12.35 9.74 4.27
C THR A 279 12.89 10.99 3.60
N SER A 280 12.16 11.59 2.66
CA SER A 280 12.67 12.74 1.94
C SER A 280 13.13 13.92 2.80
N THR A 281 12.31 14.31 3.77
CA THR A 281 12.70 15.42 4.63
C THR A 281 13.84 15.05 5.58
N PHE A 282 13.83 13.82 6.09
CA PHE A 282 14.91 13.34 6.95
C PHE A 282 16.22 13.46 6.16
N LEU A 283 16.22 12.95 4.93
CA LEU A 283 17.42 12.99 4.10
C LEU A 283 17.87 14.42 3.76
N ASP A 284 16.92 15.35 3.69
CA ASP A 284 17.27 16.74 3.41
C ASP A 284 18.23 17.32 4.46
N VAL A 285 18.12 16.87 5.70
CA VAL A 285 19.00 17.36 6.77
C VAL A 285 20.47 17.17 6.35
N TYR A 286 20.78 15.98 5.84
CA TYR A 286 22.14 15.66 5.39
C TYR A 286 22.54 16.36 4.10
N ILE A 287 21.60 16.46 3.17
CA ILE A 287 21.85 17.12 1.90
C ILE A 287 22.13 18.60 2.15
N GLU A 288 21.27 19.24 2.94
CA GLU A 288 21.43 20.66 3.25
C GLU A 288 22.80 20.93 3.89
N ARG A 289 23.21 20.09 4.84
CA ARG A 289 24.51 20.28 5.47
C ARG A 289 25.66 20.22 4.46
N ASP A 290 25.60 19.24 3.55
CA ASP A 290 26.66 19.10 2.55
C ASP A 290 26.64 20.26 1.54
N LEU A 291 25.45 20.75 1.18
CA LEU A 291 25.35 21.86 0.23
C LEU A 291 25.95 23.11 0.84
N LYS A 292 25.58 23.41 2.09
CA LYS A 292 26.09 24.60 2.74
C LYS A 292 27.59 24.52 2.97
N ALA A 293 28.12 23.31 3.09
CA ALA A 293 29.55 23.12 3.30
C ALA A 293 30.29 23.15 1.97
N GLY A 294 29.52 23.17 0.88
CA GLY A 294 30.12 23.19 -0.44
C GLY A 294 30.68 21.83 -0.78
N LYS A 295 30.27 20.80 -0.04
CA LYS A 295 30.76 19.44 -0.26
C LYS A 295 30.17 18.84 -1.54
N ILE A 296 28.90 19.16 -1.82
CA ILE A 296 28.24 18.69 -3.03
C ILE A 296 27.48 19.85 -3.66
N THR A 297 27.16 19.71 -4.93
CA THR A 297 26.40 20.72 -5.66
C THR A 297 24.95 20.27 -5.70
N GLU A 298 24.04 21.14 -6.13
CA GLU A 298 22.63 20.76 -6.21
C GLU A 298 22.44 19.62 -7.23
N GLN A 299 23.16 19.67 -8.35
CA GLN A 299 22.99 18.60 -9.33
C GLN A 299 23.47 17.27 -8.77
N GLU A 300 24.51 17.30 -7.95
CA GLU A 300 25.02 16.07 -7.34
C GLU A 300 23.97 15.55 -6.34
N ALA A 301 23.31 16.48 -5.65
CA ALA A 301 22.28 16.10 -4.68
C ALA A 301 21.10 15.45 -5.41
N GLN A 302 20.68 16.05 -6.52
CA GLN A 302 19.59 15.48 -7.29
C GLN A 302 19.99 14.10 -7.83
N GLU A 303 21.26 13.96 -8.21
CA GLU A 303 21.75 12.69 -8.74
C GLU A 303 21.67 11.57 -7.69
N MET A 304 22.04 11.87 -6.46
CA MET A 304 21.97 10.86 -5.40
C MET A 304 20.52 10.46 -5.20
N VAL A 305 19.64 11.46 -5.15
CA VAL A 305 18.21 11.19 -5.00
C VAL A 305 17.71 10.36 -6.19
N ASP A 306 18.15 10.72 -7.39
CA ASP A 306 17.75 9.97 -8.59
C ASP A 306 18.19 8.51 -8.52
N HIS A 307 19.42 8.27 -8.09
CA HIS A 307 19.91 6.89 -8.02
C HIS A 307 19.21 6.06 -6.95
N LEU A 308 18.81 6.71 -5.85
CA LEU A 308 18.07 6.01 -4.79
C LEU A 308 16.69 5.65 -5.35
N VAL A 309 16.00 6.66 -5.89
CA VAL A 309 14.67 6.46 -6.44
C VAL A 309 14.68 5.46 -7.58
N MET A 310 15.76 5.45 -8.37
CA MET A 310 15.88 4.49 -9.47
C MET A 310 15.88 3.08 -8.91
N LYS A 311 16.59 2.86 -7.80
CA LYS A 311 16.62 1.54 -7.16
C LYS A 311 15.20 1.18 -6.67
N LEU A 312 14.44 2.17 -6.23
CA LEU A 312 13.08 1.89 -5.76
C LEU A 312 12.18 1.54 -6.93
N ARG A 313 12.61 1.90 -8.14
CA ARG A 313 11.84 1.57 -9.34
C ARG A 313 12.21 0.17 -9.81
N MET A 314 13.18 -0.44 -9.14
CA MET A 314 13.66 -1.75 -9.52
C MET A 314 13.38 -2.90 -8.56
N VAL A 315 12.59 -2.63 -7.51
CA VAL A 315 12.25 -3.69 -6.55
C VAL A 315 11.28 -4.65 -7.26
N ARG A 316 11.54 -5.95 -7.15
CA ARG A 316 10.71 -6.96 -7.80
C ARG A 316 10.53 -8.20 -6.93
N PHE A 317 9.39 -8.88 -7.07
CA PHE A 317 9.14 -10.12 -6.34
C PHE A 317 8.50 -11.14 -7.28
N LEU A 318 8.87 -12.40 -7.10
CA LEU A 318 8.29 -13.48 -7.92
C LEU A 318 6.87 -13.72 -7.42
N ARG A 319 5.88 -13.48 -8.28
CA ARG A 319 4.48 -13.66 -7.92
C ARG A 319 3.81 -14.67 -8.86
N THR A 320 2.70 -15.25 -8.42
CA THR A 320 1.98 -16.23 -9.23
C THR A 320 0.96 -15.51 -10.10
N PRO A 321 0.41 -16.19 -11.12
CA PRO A 321 -0.58 -15.51 -11.95
C PRO A 321 -1.80 -15.14 -11.10
N GLU A 322 -2.10 -15.96 -10.10
CA GLU A 322 -3.22 -15.69 -9.20
C GLU A 322 -2.99 -14.35 -8.50
N TYR A 323 -1.79 -14.16 -7.96
CA TYR A 323 -1.43 -12.92 -7.28
C TYR A 323 -1.57 -11.74 -8.26
N ASP A 324 -1.13 -11.96 -9.50
CA ASP A 324 -1.19 -10.92 -10.52
C ASP A 324 -2.62 -10.43 -10.79
N GLU A 325 -3.61 -11.28 -10.60
CA GLU A 325 -5.00 -10.88 -10.82
C GLU A 325 -5.50 -10.01 -9.64
N LEU A 326 -5.04 -10.34 -8.44
CA LEU A 326 -5.43 -9.63 -7.22
C LEU A 326 -4.72 -8.29 -7.04
N PHE A 327 -3.47 -8.25 -7.50
CA PHE A 327 -2.62 -7.07 -7.38
C PHE A 327 -1.95 -6.84 -8.73
N SER A 328 -2.69 -6.23 -9.66
CA SER A 328 -2.19 -6.01 -11.02
C SER A 328 -1.16 -4.91 -11.22
N GLY A 329 -0.42 -5.05 -12.33
CA GLY A 329 0.58 -4.07 -12.69
C GLY A 329 1.95 -4.22 -12.08
N ASP A 330 2.27 -5.39 -11.55
CA ASP A 330 3.57 -5.65 -10.94
C ASP A 330 3.85 -4.61 -9.86
N PRO A 331 2.91 -4.43 -8.91
CA PRO A 331 3.09 -3.43 -7.85
C PRO A 331 4.08 -3.81 -6.77
N ILE A 332 4.61 -2.79 -6.10
CA ILE A 332 5.57 -2.96 -5.01
C ILE A 332 5.11 -2.11 -3.82
N TRP A 333 4.54 -0.94 -4.14
CA TRP A 333 4.12 0.00 -3.11
C TRP A 333 5.30 0.44 -2.26
N ALA A 334 6.36 0.89 -2.91
CA ALA A 334 7.54 1.42 -2.21
C ALA A 334 7.09 2.86 -1.92
N THR A 335 6.12 2.99 -1.03
CA THR A 335 5.53 4.27 -0.72
C THR A 335 6.38 5.24 0.10
N GLU A 336 6.47 6.48 -0.39
CA GLU A 336 7.24 7.54 0.27
C GLU A 336 6.29 8.71 0.57
N SER A 337 6.24 9.10 1.85
CA SER A 337 5.37 10.19 2.29
C SER A 337 6.14 11.49 2.30
N ILE A 338 5.64 12.43 1.50
CA ILE A 338 6.29 13.71 1.29
C ILE A 338 5.60 14.92 1.89
N GLY A 339 6.39 15.81 2.46
CA GLY A 339 5.85 17.04 3.00
C GLY A 339 5.06 16.97 4.29
N GLY A 340 3.84 17.49 4.26
CA GLY A 340 3.01 17.52 5.46
C GLY A 340 3.41 18.71 6.32
N MET A 341 2.78 18.85 7.48
CA MET A 341 3.07 19.95 8.40
C MET A 341 3.44 19.33 9.74
N GLY A 342 4.21 20.06 10.54
CA GLY A 342 4.59 19.56 11.84
C GLY A 342 3.54 19.98 12.88
N LEU A 343 3.54 19.33 14.03
CA LEU A 343 2.60 19.69 15.08
C LEU A 343 2.80 21.14 15.50
N ASP A 344 4.02 21.67 15.29
CA ASP A 344 4.31 23.05 15.67
C ASP A 344 3.89 24.09 14.64
N GLY A 345 3.24 23.65 13.57
CA GLY A 345 2.79 24.60 12.56
C GLY A 345 3.74 24.88 11.40
N ARG A 346 5.01 24.51 11.55
CA ARG A 346 5.98 24.71 10.49
C ARG A 346 5.67 23.67 9.42
N THR A 347 6.03 23.94 8.17
CA THR A 347 5.80 22.93 7.15
C THR A 347 6.98 21.97 7.21
N LEU A 348 6.74 20.71 6.87
CA LEU A 348 7.81 19.71 6.83
C LEU A 348 8.28 19.56 5.39
N VAL A 349 7.80 20.44 4.51
CA VAL A 349 8.23 20.44 3.12
C VAL A 349 9.67 20.96 3.13
N THR A 350 10.55 20.31 2.37
CA THR A 350 11.95 20.72 2.28
C THR A 350 12.32 20.77 0.80
N LYS A 351 13.53 21.21 0.50
CA LYS A 351 13.96 21.21 -0.90
C LYS A 351 13.90 19.76 -1.39
N ASN A 352 14.20 18.81 -0.51
CA ASN A 352 14.19 17.41 -0.94
C ASN A 352 12.81 16.91 -1.32
N SER A 353 11.77 17.57 -0.81
CA SER A 353 10.40 17.21 -1.19
C SER A 353 10.32 17.46 -2.70
N PHE A 354 10.90 18.58 -3.12
CA PHE A 354 10.92 18.93 -4.54
C PHE A 354 11.81 17.98 -5.35
N ARG A 355 12.93 17.57 -4.76
CA ARG A 355 13.85 16.66 -5.47
C ARG A 355 13.20 15.30 -5.74
N PHE A 356 12.43 14.79 -4.79
CA PHE A 356 11.77 13.51 -5.00
C PHE A 356 10.76 13.64 -6.13
N LEU A 357 9.96 14.71 -6.12
CA LEU A 357 8.99 14.88 -7.21
C LEU A 357 9.70 15.04 -8.55
N ASN A 358 10.86 15.69 -8.52
CA ASN A 358 11.64 15.95 -9.73
C ASN A 358 12.13 14.67 -10.42
N THR A 359 12.14 13.55 -9.72
CA THR A 359 12.59 12.30 -10.35
C THR A 359 11.62 11.92 -11.47
N LEU A 360 10.40 12.45 -11.41
CA LEU A 360 9.41 12.15 -12.44
C LEU A 360 9.72 12.92 -13.73
N TYR A 361 10.67 13.85 -13.63
CA TYR A 361 11.14 14.63 -14.78
C TYR A 361 12.52 14.11 -15.20
N THR A 362 13.43 13.97 -14.23
CA THR A 362 14.78 13.51 -14.54
C THR A 362 14.80 12.11 -15.13
N MET A 363 13.92 11.23 -14.65
CA MET A 363 13.86 9.87 -15.16
C MET A 363 12.48 9.52 -15.72
N GLY A 364 11.66 10.54 -15.92
CA GLY A 364 10.33 10.33 -16.48
C GLY A 364 9.33 9.73 -15.51
N PRO A 365 8.06 9.58 -15.94
CA PRO A 365 7.00 9.01 -15.11
C PRO A 365 7.30 7.58 -14.71
N SER A 366 6.91 7.20 -13.49
CA SER A 366 7.12 5.85 -13.00
C SER A 366 6.11 5.59 -11.90
N PRO A 367 5.57 4.36 -11.83
CA PRO A 367 4.58 3.99 -10.81
C PRO A 367 5.18 3.80 -9.42
N GLU A 368 6.47 3.47 -9.39
CA GLU A 368 7.20 3.28 -8.13
C GLU A 368 8.44 4.17 -8.19
N PRO A 369 8.84 4.76 -7.04
CA PRO A 369 8.17 4.61 -5.75
C PRO A 369 6.80 5.27 -5.79
N ASN A 370 5.93 4.89 -4.87
CA ASN A 370 4.57 5.42 -4.81
C ASN A 370 4.64 6.73 -4.03
N MET A 371 4.90 7.82 -4.74
CA MET A 371 5.05 9.10 -4.06
C MET A 371 3.74 9.69 -3.62
N THR A 372 3.68 9.93 -2.32
CA THR A 372 2.48 10.38 -1.64
C THR A 372 2.63 11.72 -0.95
N ILE A 373 1.87 12.70 -1.41
CA ILE A 373 1.91 14.03 -0.83
C ILE A 373 0.98 14.15 0.40
N LEU A 374 1.55 14.48 1.56
CA LEU A 374 0.76 14.67 2.75
C LEU A 374 0.28 16.11 2.65
N TRP A 375 -0.95 16.26 2.20
CA TRP A 375 -1.55 17.56 1.96
C TRP A 375 -2.15 18.26 3.17
N SER A 376 -1.94 19.57 3.21
CA SER A 376 -2.51 20.44 4.24
C SER A 376 -2.89 21.73 3.55
N GLU A 377 -3.97 22.35 4.01
CA GLU A 377 -4.39 23.61 3.42
C GLU A 377 -3.33 24.66 3.73
N LYS A 378 -2.49 24.37 4.72
CA LYS A 378 -1.43 25.28 5.13
C LYS A 378 -0.08 25.05 4.43
N LEU A 379 -0.03 24.11 3.48
CA LEU A 379 1.24 23.88 2.77
C LEU A 379 1.61 25.14 2.01
N PRO A 380 2.92 25.36 1.76
CA PRO A 380 3.35 26.54 1.02
C PRO A 380 2.69 26.47 -0.35
N LEU A 381 2.14 27.59 -0.83
CA LEU A 381 1.49 27.61 -2.13
C LEU A 381 2.45 27.15 -3.24
N ASN A 382 3.72 27.51 -3.12
CA ASN A 382 4.71 27.09 -4.13
C ASN A 382 4.75 25.57 -4.25
N PHE A 383 4.66 24.87 -3.13
CA PHE A 383 4.68 23.41 -3.16
C PHE A 383 3.36 22.85 -3.69
N LYS A 384 2.24 23.42 -3.25
CA LYS A 384 0.93 22.98 -3.71
C LYS A 384 0.88 23.03 -5.23
N LYS A 385 1.38 24.12 -5.81
CA LYS A 385 1.34 24.28 -7.26
C LYS A 385 2.30 23.36 -8.00
N PHE A 386 3.49 23.14 -7.44
CA PHE A 386 4.44 22.26 -8.11
C PHE A 386 3.91 20.83 -8.10
N ALA A 387 3.33 20.39 -6.98
CA ALA A 387 2.79 19.04 -6.91
C ALA A 387 1.65 18.92 -7.94
N ALA A 388 0.83 19.96 -8.03
CA ALA A 388 -0.28 19.93 -8.98
C ALA A 388 0.25 19.84 -10.41
N LYS A 389 1.33 20.58 -10.67
CA LYS A 389 1.97 20.57 -11.99
C LYS A 389 2.48 19.16 -12.29
N VAL A 390 3.14 18.54 -11.31
CA VAL A 390 3.66 17.19 -11.50
C VAL A 390 2.52 16.20 -11.78
N SER A 391 1.37 16.38 -11.14
CA SER A 391 0.25 15.48 -11.39
C SER A 391 -0.26 15.68 -12.82
N ILE A 392 -0.39 16.95 -13.21
CA ILE A 392 -0.86 17.28 -14.55
C ILE A 392 0.08 16.67 -15.62
N ASP A 393 1.39 16.79 -15.40
CA ASP A 393 2.36 16.27 -16.36
C ASP A 393 2.57 14.76 -16.37
N THR A 394 2.44 14.12 -15.20
CA THR A 394 2.72 12.70 -15.08
C THR A 394 1.68 11.75 -14.49
N SER A 395 0.64 12.29 -13.84
CA SER A 395 -0.39 11.46 -13.20
C SER A 395 0.24 10.39 -12.29
N SER A 396 1.42 10.69 -11.75
CA SER A 396 2.11 9.71 -10.92
C SER A 396 2.00 9.86 -9.40
N LEU A 397 1.36 10.94 -8.95
CA LEU A 397 1.23 11.19 -7.51
C LEU A 397 -0.12 10.92 -6.91
N GLN A 398 -0.12 10.68 -5.60
CA GLN A 398 -1.37 10.54 -4.87
C GLN A 398 -1.24 11.52 -3.69
N TYR A 399 -2.37 11.88 -3.11
CA TYR A 399 -2.40 12.85 -2.03
C TYR A 399 -3.21 12.30 -0.86
N GLU A 400 -2.78 12.62 0.36
CA GLU A 400 -3.52 12.16 1.53
C GLU A 400 -3.68 13.29 2.54
N ASN A 401 -4.72 13.21 3.35
CA ASN A 401 -5.02 14.32 4.25
C ASN A 401 -4.21 14.46 5.53
N ASP A 402 -3.19 15.31 5.49
CA ASP A 402 -2.37 15.55 6.67
C ASP A 402 -3.15 16.32 7.74
N ASP A 403 -4.10 17.17 7.32
CA ASP A 403 -4.89 17.94 8.28
C ASP A 403 -5.84 17.02 9.05
N LEU A 404 -6.01 15.81 8.55
CA LEU A 404 -6.87 14.84 9.19
C LEU A 404 -6.03 13.84 10.01
N MET A 405 -5.01 13.27 9.38
CA MET A 405 -4.19 12.26 10.03
C MET A 405 -3.22 12.75 11.10
N ARG A 406 -2.54 13.86 10.88
CA ARG A 406 -1.61 14.35 11.90
C ARG A 406 -2.36 14.59 13.23
N PRO A 407 -3.52 15.28 13.19
CA PRO A 407 -4.24 15.50 14.45
C PRO A 407 -4.81 14.19 15.04
N ASP A 408 -5.18 13.25 14.18
CA ASP A 408 -5.72 11.97 14.66
C ASP A 408 -4.66 11.24 15.48
N PHE A 409 -3.42 11.25 14.99
CA PHE A 409 -2.30 10.61 15.68
C PHE A 409 -1.64 11.52 16.70
N ASN A 410 -1.85 12.83 16.53
CA ASN A 410 -1.16 13.87 17.30
C ASN A 410 0.31 13.52 17.08
N ASN A 411 0.68 13.33 15.82
CA ASN A 411 2.04 12.96 15.48
C ASN A 411 2.34 13.43 14.07
N ASP A 412 3.55 13.95 13.86
CA ASP A 412 3.94 14.45 12.54
C ASP A 412 5.03 13.60 11.91
N ASP A 413 5.14 12.35 12.33
CA ASP A 413 6.12 11.44 11.76
C ASP A 413 5.47 10.10 11.44
N TYR A 414 4.26 10.16 10.89
CA TYR A 414 3.55 8.95 10.49
C TYR A 414 3.82 8.81 8.98
N ALA A 415 3.73 7.59 8.47
CA ALA A 415 3.94 7.36 7.04
C ALA A 415 2.79 6.51 6.53
N ILE A 416 2.70 6.38 5.21
CA ILE A 416 1.63 5.59 4.58
C ILE A 416 2.17 4.25 4.08
N ALA A 417 1.52 3.16 4.49
CA ALA A 417 1.92 1.84 4.04
C ALA A 417 0.95 1.47 2.92
N CYS A 418 1.52 0.89 1.88
CA CYS A 418 0.78 0.47 0.70
C CYS A 418 0.13 1.68 0.03
N CYS A 419 -1.19 1.84 0.21
CA CYS A 419 -1.91 2.92 -0.45
C CYS A 419 -2.38 4.06 0.42
N VAL A 420 -3.13 3.72 1.45
CA VAL A 420 -3.75 4.71 2.32
C VAL A 420 -3.72 4.39 3.81
N SER A 421 -2.89 3.44 4.22
CA SER A 421 -2.87 3.02 5.63
C SER A 421 -1.75 3.65 6.44
N PRO A 422 -2.08 4.62 7.30
CA PRO A 422 -1.09 5.33 8.14
C PRO A 422 -0.57 4.58 9.37
N MET A 423 0.67 4.88 9.73
CA MET A 423 1.31 4.27 10.90
C MET A 423 2.42 5.20 11.35
N ILE A 424 2.56 5.38 12.67
CA ILE A 424 3.63 6.22 13.21
C ILE A 424 4.90 5.40 12.98
N VAL A 425 5.85 5.97 12.24
CA VAL A 425 7.07 5.27 11.86
C VAL A 425 7.91 4.68 13.00
N GLY A 426 8.12 3.37 12.94
CA GLY A 426 8.91 2.66 13.93
C GLY A 426 8.15 2.31 15.19
N LYS A 427 6.88 2.69 15.24
CA LYS A 427 6.07 2.44 16.44
C LYS A 427 4.78 1.69 16.20
N GLN A 428 4.40 1.54 14.94
CA GLN A 428 3.13 0.92 14.58
C GLN A 428 3.24 0.15 13.27
N MET A 429 2.42 -0.89 13.13
CA MET A 429 2.37 -1.69 11.89
C MET A 429 0.94 -2.20 11.74
N GLN A 430 0.62 -2.77 10.58
CA GLN A 430 -0.71 -3.34 10.40
C GLN A 430 -0.57 -4.82 10.10
N PHE A 431 -1.54 -5.60 10.55
CA PHE A 431 -1.64 -7.01 10.20
C PHE A 431 -2.54 -6.88 8.96
N PHE A 432 -1.98 -7.08 7.77
CA PHE A 432 -2.74 -6.96 6.53
C PHE A 432 -3.87 -7.99 6.42
N GLY A 433 -5.04 -7.55 5.98
CA GLY A 433 -6.17 -8.46 5.85
C GLY A 433 -6.84 -8.51 4.48
N ALA A 434 -6.20 -7.87 3.50
CA ALA A 434 -6.76 -7.81 2.14
C ALA A 434 -8.18 -7.25 2.27
N ARG A 435 -9.15 -7.80 1.55
CA ARG A 435 -10.51 -7.27 1.66
C ARG A 435 -11.59 -8.30 1.43
N ALA A 436 -12.77 -8.03 2.00
CA ALA A 436 -13.94 -8.91 1.89
C ALA A 436 -14.91 -8.42 0.83
N ASN A 437 -15.68 -9.34 0.24
CA ASN A 437 -16.65 -9.00 -0.80
C ASN A 437 -17.99 -8.60 -0.16
N LEU A 438 -18.21 -7.31 0.03
CA LEU A 438 -19.44 -6.84 0.66
C LEU A 438 -20.64 -6.99 -0.27
N ALA A 439 -20.41 -6.86 -1.58
CA ALA A 439 -21.50 -6.99 -2.56
C ALA A 439 -22.08 -8.40 -2.60
N LYS A 440 -21.20 -9.40 -2.63
CA LYS A 440 -21.66 -10.78 -2.65
C LYS A 440 -22.37 -11.10 -1.34
N THR A 441 -21.94 -10.46 -0.26
CA THR A 441 -22.55 -10.70 1.04
C THR A 441 -24.03 -10.28 1.00
N MET A 442 -24.33 -9.25 0.21
CA MET A 442 -25.71 -8.79 0.10
C MET A 442 -26.54 -9.81 -0.67
N LEU A 443 -25.95 -10.40 -1.70
CA LEU A 443 -26.66 -11.41 -2.48
C LEU A 443 -26.95 -12.60 -1.58
N TYR A 444 -25.99 -12.95 -0.72
CA TYR A 444 -26.17 -14.06 0.20
C TYR A 444 -27.36 -13.81 1.11
N ALA A 445 -27.56 -12.55 1.48
CA ALA A 445 -28.67 -12.19 2.36
C ALA A 445 -30.00 -12.44 1.64
N ILE A 446 -30.03 -12.13 0.36
CA ILE A 446 -31.23 -12.30 -0.47
C ILE A 446 -31.44 -13.78 -0.81
N ASN A 447 -30.34 -14.52 -0.97
CA ASN A 447 -30.40 -15.93 -1.35
C ASN A 447 -30.21 -16.98 -0.26
N GLY A 448 -30.43 -16.60 1.00
CA GLY A 448 -30.30 -17.55 2.09
C GLY A 448 -28.94 -18.18 2.27
N GLY A 449 -27.89 -17.44 1.95
CA GLY A 449 -26.54 -17.98 2.13
C GLY A 449 -26.02 -18.84 0.98
N VAL A 450 -26.85 -19.06 -0.02
CA VAL A 450 -26.45 -19.88 -1.17
C VAL A 450 -25.77 -19.01 -2.22
N ASP A 451 -24.60 -19.46 -2.69
CA ASP A 451 -23.86 -18.69 -3.69
C ASP A 451 -24.60 -18.69 -5.03
N GLU A 452 -24.76 -17.50 -5.61
CA GLU A 452 -25.48 -17.32 -6.86
C GLU A 452 -24.81 -17.92 -8.10
N LYS A 453 -23.53 -18.27 -7.99
CA LYS A 453 -22.83 -18.86 -9.12
C LYS A 453 -22.57 -20.34 -8.91
N LEU A 454 -22.13 -20.71 -7.71
CA LEU A 454 -21.83 -22.11 -7.41
C LEU A 454 -23.04 -22.90 -6.93
N LYS A 455 -24.11 -22.22 -6.55
CA LYS A 455 -25.31 -22.89 -6.06
C LYS A 455 -24.96 -23.81 -4.88
N MET A 456 -24.06 -23.33 -4.05
CA MET A 456 -23.58 -24.05 -2.88
C MET A 456 -23.88 -23.23 -1.64
N GLN A 457 -24.17 -23.92 -0.53
CA GLN A 457 -24.45 -23.24 0.72
C GLN A 457 -23.11 -22.78 1.29
N VAL A 458 -22.88 -21.47 1.29
CA VAL A 458 -21.62 -20.94 1.81
C VAL A 458 -21.87 -20.20 3.12
N GLY A 459 -22.85 -19.30 3.10
CA GLY A 459 -23.18 -18.57 4.30
C GLY A 459 -24.07 -19.46 5.15
N PRO A 460 -24.44 -19.06 6.37
CA PRO A 460 -25.31 -19.94 7.16
C PRO A 460 -26.66 -20.13 6.47
N LYS A 461 -27.24 -21.33 6.60
CA LYS A 461 -28.52 -21.61 5.98
C LYS A 461 -29.56 -20.64 6.52
N SER A 462 -30.20 -19.91 5.62
CA SER A 462 -31.21 -18.93 6.00
C SER A 462 -32.33 -18.94 4.98
N GLU A 463 -33.49 -18.43 5.37
CA GLU A 463 -34.63 -18.38 4.46
C GLU A 463 -34.42 -17.30 3.40
N PRO A 464 -34.38 -17.71 2.13
CA PRO A 464 -34.18 -16.72 1.07
C PRO A 464 -35.37 -15.77 1.04
N ILE A 465 -35.11 -14.50 0.73
CA ILE A 465 -36.16 -13.49 0.67
C ILE A 465 -37.16 -13.80 -0.44
N LYS A 466 -38.45 -13.81 -0.08
CA LYS A 466 -39.52 -14.12 -1.01
C LYS A 466 -40.19 -12.86 -1.54
N GLY A 467 -40.97 -13.02 -2.61
CA GLY A 467 -41.69 -11.88 -3.18
C GLY A 467 -41.20 -11.42 -4.54
N ASP A 468 -42.01 -10.62 -5.22
CA ASP A 468 -41.64 -10.13 -6.54
C ASP A 468 -40.97 -8.77 -6.47
N VAL A 469 -41.07 -8.12 -5.31
CA VAL A 469 -40.45 -6.81 -5.13
C VAL A 469 -39.64 -6.79 -3.84
N LEU A 470 -38.34 -6.46 -3.95
CA LEU A 470 -37.49 -6.39 -2.77
C LEU A 470 -37.86 -5.20 -1.89
N ASN A 471 -37.83 -5.42 -0.59
CA ASN A 471 -38.12 -4.39 0.39
C ASN A 471 -36.83 -4.05 1.14
N TYR A 472 -36.45 -2.77 1.13
CA TYR A 472 -35.23 -2.32 1.77
C TYR A 472 -35.04 -2.75 3.23
N ASP A 473 -36.05 -2.53 4.07
CA ASP A 473 -35.92 -2.91 5.47
C ASP A 473 -35.65 -4.40 5.64
N GLU A 474 -36.33 -5.24 4.86
CA GLU A 474 -36.11 -6.67 4.97
C GLU A 474 -34.72 -7.06 4.48
N VAL A 475 -34.35 -6.58 3.30
CA VAL A 475 -33.04 -6.87 2.75
C VAL A 475 -31.93 -6.41 3.70
N MET A 476 -32.05 -5.20 4.23
CA MET A 476 -31.04 -4.66 5.13
C MET A 476 -30.91 -5.47 6.41
N GLU A 477 -32.03 -5.97 6.94
CA GLU A 477 -31.99 -6.76 8.16
C GLU A 477 -31.25 -8.09 7.92
N ARG A 478 -31.48 -8.70 6.75
CA ARG A 478 -30.81 -9.94 6.42
C ARG A 478 -29.33 -9.66 6.13
N MET A 479 -29.06 -8.54 5.47
CA MET A 479 -27.70 -8.15 5.15
C MET A 479 -26.90 -7.92 6.43
N ASP A 480 -27.53 -7.30 7.41
N ASP A 480 -27.53 -7.30 7.41
CA ASP A 480 -26.88 -7.05 8.70
CA ASP A 480 -26.87 -7.02 8.69
C ASP A 480 -26.52 -8.39 9.34
C ASP A 480 -26.40 -8.30 9.35
N HIS A 481 -27.39 -9.39 9.13
N HIS A 481 -27.27 -9.31 9.43
CA HIS A 481 -27.18 -10.73 9.67
CA HIS A 481 -26.91 -10.57 10.04
C HIS A 481 -25.97 -11.40 9.02
C HIS A 481 -25.77 -11.27 9.30
N PHE A 482 -25.85 -11.28 7.71
N PHE A 482 -25.82 -11.26 7.98
CA PHE A 482 -24.74 -11.88 7.00
CA PHE A 482 -24.77 -11.90 7.19
C PHE A 482 -23.43 -11.11 7.16
C PHE A 482 -23.44 -11.17 7.35
N MET A 483 -23.52 -9.87 7.62
CA MET A 483 -22.31 -9.06 7.84
C MET A 483 -21.70 -9.55 9.15
N ASP A 484 -22.56 -9.99 10.08
CA ASP A 484 -22.10 -10.52 11.36
C ASP A 484 -21.30 -11.79 11.07
N TRP A 485 -21.86 -12.65 10.23
CA TRP A 485 -21.22 -13.90 9.86
C TRP A 485 -19.93 -13.61 9.10
N LEU A 486 -19.99 -12.67 8.16
CA LEU A 486 -18.80 -12.31 7.38
C LEU A 486 -17.68 -11.83 8.29
N ALA A 487 -18.00 -10.97 9.25
CA ALA A 487 -17.01 -10.45 10.19
C ALA A 487 -16.32 -11.56 10.98
N LYS A 488 -17.10 -12.52 11.47
CA LYS A 488 -16.53 -13.61 12.26
C LYS A 488 -15.63 -14.51 11.44
N GLN A 489 -16.05 -14.85 10.22
CA GLN A 489 -15.20 -15.70 9.38
C GLN A 489 -13.94 -14.94 8.99
N TYR A 490 -14.09 -13.65 8.70
CA TYR A 490 -12.97 -12.80 8.29
C TYR A 490 -11.93 -12.71 9.39
N ILE A 491 -12.35 -12.32 10.59
CA ILE A 491 -11.42 -12.20 11.70
C ILE A 491 -10.80 -13.55 12.05
N THR A 492 -11.58 -14.63 11.94
CA THR A 492 -11.01 -15.95 12.25
C THR A 492 -9.89 -16.28 11.26
N ALA A 493 -10.14 -16.02 9.98
CA ALA A 493 -9.11 -16.28 8.97
C ALA A 493 -7.85 -15.45 9.24
N LEU A 494 -8.04 -14.17 9.55
CA LEU A 494 -6.90 -13.30 9.83
C LEU A 494 -6.16 -13.71 11.10
N ASN A 495 -6.90 -14.19 12.10
CA ASN A 495 -6.25 -14.64 13.34
C ASN A 495 -5.30 -15.79 13.02
N ILE A 496 -5.75 -16.72 12.19
CA ILE A 496 -4.89 -17.85 11.81
C ILE A 496 -3.70 -17.36 11.00
N ILE A 497 -3.96 -16.51 10.01
CA ILE A 497 -2.91 -15.99 9.15
C ILE A 497 -1.80 -15.27 9.91
N HIS A 498 -2.16 -14.38 10.82
CA HIS A 498 -1.10 -13.65 11.48
C HIS A 498 -0.37 -14.41 12.58
N TYR A 499 -1.02 -15.43 13.12
CA TYR A 499 -0.38 -16.28 14.12
C TYR A 499 0.72 -17.02 13.32
N MET A 500 0.33 -17.53 12.14
CA MET A 500 1.27 -18.29 11.33
C MET A 500 2.38 -17.47 10.69
N HIS A 501 2.08 -16.21 10.36
CA HIS A 501 3.09 -15.36 9.74
C HIS A 501 4.13 -14.96 10.79
N ASP A 502 3.69 -14.75 12.02
CA ASP A 502 4.60 -14.44 13.12
C ASP A 502 5.48 -15.64 13.37
N LYS A 503 4.91 -16.83 13.25
CA LYS A 503 5.66 -18.06 13.51
C LYS A 503 6.62 -18.48 12.40
N TYR A 504 6.16 -18.44 11.16
CA TYR A 504 6.97 -18.89 10.04
C TYR A 504 7.62 -17.89 9.11
N SER A 505 7.27 -16.61 9.22
CA SER A 505 7.92 -15.60 8.39
C SER A 505 7.95 -14.26 9.13
N TYR A 506 8.47 -14.28 10.35
CA TYR A 506 8.57 -13.07 11.15
C TYR A 506 9.55 -12.13 10.46
N GLU A 507 9.12 -10.89 10.21
CA GLU A 507 9.92 -9.91 9.50
C GLU A 507 11.02 -9.27 10.34
N ALA A 508 11.95 -10.10 10.77
CA ALA A 508 13.04 -9.67 11.64
C ALA A 508 13.78 -8.40 11.25
N SER A 509 14.21 -8.28 9.99
CA SER A 509 14.96 -7.10 9.59
C SER A 509 14.15 -5.80 9.64
N LEU A 510 12.84 -5.89 9.40
CA LEU A 510 12.00 -4.70 9.47
C LEU A 510 11.67 -4.40 10.93
N MET A 511 11.29 -5.42 11.70
CA MET A 511 10.95 -5.21 13.09
C MET A 511 12.16 -4.74 13.91
N ALA A 512 13.36 -5.06 13.42
CA ALA A 512 14.59 -4.63 14.10
C ALA A 512 14.72 -3.11 14.07
N LEU A 513 13.97 -2.48 13.16
CA LEU A 513 13.99 -1.04 13.01
C LEU A 513 12.72 -0.37 13.55
N HIS A 514 12.15 -0.99 14.59
CA HIS A 514 10.96 -0.51 15.30
C HIS A 514 11.32 -0.51 16.79
N ASP A 515 10.51 0.16 17.59
CA ASP A 515 10.67 0.18 19.05
C ASP A 515 10.42 -1.25 19.55
N ARG A 516 10.65 -1.48 20.84
CA ARG A 516 10.44 -2.80 21.43
C ARG A 516 8.98 -3.24 21.35
N ASP A 517 8.07 -2.32 21.67
CA ASP A 517 6.64 -2.60 21.63
C ASP A 517 6.03 -1.84 20.47
N VAL A 518 5.45 -2.60 19.54
CA VAL A 518 4.85 -2.02 18.36
C VAL A 518 3.33 -2.16 18.41
N ILE A 519 2.62 -1.08 18.09
CA ILE A 519 1.17 -1.09 18.05
C ILE A 519 0.75 -1.81 16.77
N ARG A 520 -0.17 -2.75 16.89
CA ARG A 520 -0.64 -3.50 15.73
C ARG A 520 -2.14 -3.34 15.53
N THR A 521 -2.56 -3.13 14.29
CA THR A 521 -3.99 -3.06 14.00
C THR A 521 -4.29 -4.25 13.11
N MET A 522 -5.52 -4.75 13.15
CA MET A 522 -5.91 -5.86 12.30
C MET A 522 -6.70 -5.17 11.20
N ALA A 523 -6.06 -4.94 10.06
CA ALA A 523 -6.68 -4.21 8.96
C ALA A 523 -7.59 -5.00 8.05
N CYS A 524 -8.90 -4.78 8.21
CA CYS A 524 -9.94 -5.45 7.42
C CYS A 524 -10.42 -4.55 6.31
N GLY A 525 -10.38 -5.03 5.08
CA GLY A 525 -10.83 -4.20 3.97
C GLY A 525 -12.17 -4.62 3.43
N ILE A 526 -12.88 -3.69 2.79
N ILE A 526 -12.85 -3.68 2.77
CA ILE A 526 -14.17 -4.00 2.19
CA ILE A 526 -14.15 -3.94 2.17
C ILE A 526 -14.16 -3.61 0.72
C ILE A 526 -14.12 -3.61 0.70
N ALA A 527 -14.61 -4.55 -0.12
CA ALA A 527 -14.66 -4.35 -1.56
C ALA A 527 -16.11 -4.30 -1.99
N GLY A 528 -16.41 -3.49 -3.01
CA GLY A 528 -17.76 -3.38 -3.51
C GLY A 528 -18.68 -2.46 -2.74
N LEU A 529 -18.12 -1.49 -2.04
CA LEU A 529 -18.93 -0.57 -1.26
C LEU A 529 -19.98 0.15 -2.11
N SER A 530 -19.58 0.73 -3.24
CA SER A 530 -20.54 1.45 -4.09
C SER A 530 -21.56 0.51 -4.73
N VAL A 531 -21.18 -0.74 -4.98
CA VAL A 531 -22.11 -1.71 -5.55
C VAL A 531 -23.17 -2.02 -4.49
N ALA A 532 -22.73 -2.21 -3.24
CA ALA A 532 -23.67 -2.51 -2.16
C ALA A 532 -24.58 -1.32 -1.88
N ALA A 533 -23.99 -0.12 -1.78
CA ALA A 533 -24.78 1.07 -1.51
C ALA A 533 -25.79 1.34 -2.61
N ASP A 534 -25.35 1.24 -3.87
CA ASP A 534 -26.24 1.48 -5.00
C ASP A 534 -27.33 0.41 -5.09
N SER A 535 -27.02 -0.79 -4.63
CA SER A 535 -27.99 -1.88 -4.66
C SER A 535 -29.08 -1.61 -3.65
N LEU A 536 -28.69 -1.10 -2.48
CA LEU A 536 -29.65 -0.78 -1.44
C LEU A 536 -30.49 0.41 -1.90
N SER A 537 -29.84 1.36 -2.57
CA SER A 537 -30.53 2.55 -3.06
C SER A 537 -31.60 2.17 -4.08
N ALA A 538 -31.26 1.29 -5.02
CA ALA A 538 -32.22 0.85 -6.04
C ALA A 538 -33.41 0.18 -5.35
N ILE A 539 -33.12 -0.67 -4.37
CA ILE A 539 -34.16 -1.38 -3.64
C ILE A 539 -35.05 -0.40 -2.86
N LYS A 540 -34.41 0.59 -2.23
CA LYS A 540 -35.13 1.57 -1.42
C LYS A 540 -35.93 2.62 -2.19
N TYR A 541 -35.36 3.17 -3.26
CA TYR A 541 -36.02 4.22 -4.02
C TYR A 541 -36.66 3.83 -5.36
N ALA A 542 -36.43 2.60 -5.80
CA ALA A 542 -37.03 2.14 -7.05
C ALA A 542 -37.71 0.81 -6.78
N LYS A 543 -38.13 0.12 -7.83
CA LYS A 543 -38.78 -1.17 -7.67
C LYS A 543 -37.90 -2.22 -8.28
N VAL A 544 -37.26 -3.01 -7.43
CA VAL A 544 -36.37 -4.07 -7.89
C VAL A 544 -37.05 -5.42 -7.77
N LYS A 545 -37.18 -6.09 -8.91
CA LYS A 545 -37.83 -7.39 -8.95
C LYS A 545 -36.82 -8.51 -9.20
N PRO A 546 -36.71 -9.45 -8.26
CA PRO A 546 -35.77 -10.57 -8.42
C PRO A 546 -36.19 -11.50 -9.55
N ILE A 547 -35.21 -12.02 -10.27
CA ILE A 547 -35.44 -12.97 -11.36
C ILE A 547 -34.84 -14.25 -10.80
N ARG A 548 -35.71 -15.21 -10.46
CA ARG A 548 -35.26 -16.45 -9.85
C ARG A 548 -35.22 -17.67 -10.77
N ASP A 549 -34.34 -18.61 -10.46
CA ASP A 549 -34.23 -19.84 -11.25
C ASP A 549 -35.17 -20.89 -10.65
N GLU A 550 -35.14 -22.10 -11.21
CA GLU A 550 -36.00 -23.18 -10.75
C GLU A 550 -35.82 -23.55 -9.28
N ASP A 551 -34.83 -22.96 -8.63
CA ASP A 551 -34.58 -23.26 -7.22
C ASP A 551 -34.93 -22.10 -6.30
N GLY A 552 -35.44 -21.01 -6.88
CA GLY A 552 -35.78 -19.85 -6.08
C GLY A 552 -34.61 -18.92 -5.86
N LEU A 553 -33.49 -19.23 -6.48
CA LEU A 553 -32.28 -18.42 -6.35
C LEU A 553 -32.39 -17.19 -7.23
N ALA A 554 -32.12 -16.02 -6.66
CA ALA A 554 -32.19 -14.77 -7.41
C ALA A 554 -30.89 -14.60 -8.21
N ILE A 555 -30.97 -14.86 -9.51
CA ILE A 555 -29.81 -14.77 -10.38
C ILE A 555 -29.74 -13.52 -11.24
N ASP A 556 -30.78 -12.69 -11.17
CA ASP A 556 -30.79 -11.44 -11.92
C ASP A 556 -31.85 -10.53 -11.31
N PHE A 557 -31.90 -9.29 -11.76
CA PHE A 557 -32.89 -8.36 -11.24
C PHE A 557 -33.35 -7.39 -12.32
N GLU A 558 -34.60 -6.94 -12.22
CA GLU A 558 -35.11 -5.95 -13.15
C GLU A 558 -35.51 -4.77 -12.30
N ILE A 559 -35.05 -3.58 -12.70
CA ILE A 559 -35.32 -2.38 -11.94
C ILE A 559 -36.26 -1.45 -12.69
N GLU A 560 -37.32 -1.04 -12.01
CA GLU A 560 -38.30 -0.12 -12.58
C GLU A 560 -38.15 1.22 -11.87
N GLY A 561 -37.75 2.24 -12.63
CA GLY A 561 -37.58 3.56 -12.06
C GLY A 561 -36.14 3.88 -11.78
N GLU A 562 -35.84 5.18 -11.65
CA GLU A 562 -34.48 5.63 -11.38
C GLU A 562 -34.21 5.61 -9.88
N TYR A 563 -32.93 5.62 -9.52
CA TYR A 563 -32.56 5.63 -8.11
C TYR A 563 -31.23 6.36 -7.99
N PRO A 564 -30.98 7.03 -6.85
CA PRO A 564 -29.73 7.75 -6.69
C PRO A 564 -28.51 6.83 -6.57
N GLN A 565 -27.43 7.19 -7.25
CA GLN A 565 -26.21 6.40 -7.25
C GLN A 565 -25.08 7.15 -6.56
N PHE A 566 -24.24 6.40 -5.84
CA PHE A 566 -23.14 6.98 -5.09
C PHE A 566 -22.21 7.79 -5.99
N GLY A 567 -21.77 8.95 -5.50
CA GLY A 567 -20.85 9.79 -6.25
C GLY A 567 -21.45 11.02 -6.92
N ASN A 568 -22.70 11.32 -6.60
CA ASN A 568 -23.39 12.47 -7.19
C ASN A 568 -23.88 13.43 -6.11
N ASN A 569 -23.26 13.35 -4.95
CA ASN A 569 -23.62 14.17 -3.79
C ASN A 569 -25.12 14.14 -3.47
N ASP A 570 -25.70 12.94 -3.53
CA ASP A 570 -27.10 12.75 -3.20
C ASP A 570 -27.10 11.98 -1.88
N PRO A 571 -27.46 12.65 -0.77
CA PRO A 571 -27.48 12.04 0.56
C PRO A 571 -28.32 10.76 0.67
N ARG A 572 -29.32 10.62 -0.18
CA ARG A 572 -30.17 9.43 -0.11
C ARG A 572 -29.37 8.15 -0.30
N VAL A 573 -28.37 8.19 -1.16
CA VAL A 573 -27.55 7.00 -1.36
C VAL A 573 -26.23 7.12 -0.61
N ASP A 574 -25.67 8.32 -0.54
CA ASP A 574 -24.41 8.51 0.17
C ASP A 574 -24.54 8.09 1.63
N ASP A 575 -25.68 8.36 2.24
CA ASP A 575 -25.94 7.98 3.63
C ASP A 575 -25.91 6.46 3.80
N LEU A 576 -26.34 5.74 2.77
CA LEU A 576 -26.36 4.29 2.81
C LEU A 576 -24.92 3.77 2.82
N ALA A 577 -24.06 4.40 2.03
CA ALA A 577 -22.66 4.00 1.95
C ALA A 577 -21.99 4.27 3.29
N VAL A 578 -22.25 5.45 3.86
CA VAL A 578 -21.66 5.80 5.16
C VAL A 578 -22.11 4.77 6.20
N ASP A 579 -23.39 4.40 6.16
CA ASP A 579 -23.93 3.43 7.10
C ASP A 579 -23.24 2.07 6.98
N LEU A 580 -23.02 1.61 5.77
CA LEU A 580 -22.36 0.32 5.58
C LEU A 580 -20.96 0.32 6.20
N VAL A 581 -20.23 1.43 6.01
CA VAL A 581 -18.90 1.55 6.58
C VAL A 581 -18.97 1.47 8.10
N GLU A 582 -19.86 2.25 8.70
CA GLU A 582 -20.01 2.24 10.16
C GLU A 582 -20.43 0.87 10.67
N ARG A 583 -21.41 0.28 10.00
CA ARG A 583 -21.94 -1.03 10.39
C ARG A 583 -20.90 -2.13 10.44
N PHE A 584 -20.08 -2.24 9.41
CA PHE A 584 -19.08 -3.30 9.42
C PHE A 584 -18.00 -3.05 10.47
N MET A 585 -17.63 -1.78 10.67
CA MET A 585 -16.59 -1.45 11.65
C MET A 585 -17.03 -1.90 13.03
N LYS A 586 -18.28 -1.63 13.38
CA LYS A 586 -18.80 -2.01 14.68
C LYS A 586 -18.84 -3.52 14.89
N LYS A 587 -19.03 -4.28 13.82
CA LYS A 587 -19.10 -5.73 13.94
C LYS A 587 -17.72 -6.37 14.13
N ILE A 588 -16.71 -5.91 13.41
CA ILE A 588 -15.37 -6.49 13.58
C ILE A 588 -14.77 -6.05 14.92
N GLN A 589 -15.19 -4.88 15.39
CA GLN A 589 -14.71 -4.31 16.64
C GLN A 589 -15.03 -5.19 17.86
N LYS A 590 -16.07 -6.01 17.75
CA LYS A 590 -16.49 -6.87 18.87
C LYS A 590 -15.73 -8.19 18.99
N LEU A 591 -14.95 -8.54 17.98
CA LEU A 591 -14.26 -9.82 17.96
C LEU A 591 -12.82 -9.86 18.50
N HIS A 592 -12.49 -10.96 19.15
CA HIS A 592 -11.14 -11.15 19.71
C HIS A 592 -10.15 -11.31 18.57
N THR A 593 -8.98 -10.70 18.72
CA THR A 593 -7.96 -10.77 17.68
C THR A 593 -6.64 -11.29 18.21
N TYR A 594 -5.87 -11.88 17.31
CA TYR A 594 -4.56 -12.40 17.63
C TYR A 594 -3.67 -11.24 18.07
N ARG A 595 -2.96 -11.45 19.17
CA ARG A 595 -2.05 -10.45 19.72
C ARG A 595 -2.77 -9.15 20.07
N ASP A 596 -4.08 -9.25 20.21
CA ASP A 596 -4.92 -8.11 20.54
C ASP A 596 -4.75 -6.94 19.59
N ALA A 597 -4.46 -7.25 18.33
CA ALA A 597 -4.32 -6.22 17.32
C ALA A 597 -5.68 -5.53 17.21
N ILE A 598 -5.66 -4.20 17.25
CA ILE A 598 -6.86 -3.38 17.19
C ILE A 598 -7.51 -3.42 15.79
N PRO A 599 -8.76 -3.85 15.71
CA PRO A 599 -9.40 -3.90 14.39
C PRO A 599 -9.61 -2.52 13.76
N THR A 600 -9.30 -2.43 12.48
CA THR A 600 -9.50 -1.18 11.73
C THR A 600 -10.06 -1.64 10.39
N GLN A 601 -10.54 -0.67 9.60
CA GLN A 601 -11.13 -0.98 8.31
C GLN A 601 -10.62 -0.04 7.24
N SER A 602 -10.53 -0.55 6.01
CA SER A 602 -10.16 0.29 4.88
C SER A 602 -11.16 0.00 3.75
N VAL A 603 -11.47 1.03 2.98
CA VAL A 603 -12.35 0.86 1.82
C VAL A 603 -11.29 0.90 0.73
N LEU A 604 -10.77 -0.29 0.41
CA LEU A 604 -9.67 -0.43 -0.52
C LEU A 604 -9.76 -1.81 -1.17
N THR A 605 -9.45 -1.89 -2.46
CA THR A 605 -9.57 -3.17 -3.15
C THR A 605 -8.37 -3.65 -3.96
N ILE A 606 -7.56 -2.70 -4.42
CA ILE A 606 -6.47 -3.02 -5.34
C ILE A 606 -7.25 -3.72 -6.47
N THR A 607 -6.75 -4.79 -7.05
CA THR A 607 -7.48 -5.39 -8.16
C THR A 607 -8.55 -6.42 -7.78
N SER A 608 -8.88 -6.48 -6.50
CA SER A 608 -9.94 -7.39 -6.05
C SER A 608 -11.28 -6.87 -6.59
N ASN A 609 -11.30 -5.64 -7.11
CA ASN A 609 -12.54 -5.12 -7.68
C ASN A 609 -12.83 -5.94 -8.94
N VAL A 610 -11.78 -6.34 -9.66
CA VAL A 610 -11.93 -7.16 -10.85
C VAL A 610 -12.15 -8.63 -10.47
N VAL A 611 -11.34 -9.14 -9.55
CA VAL A 611 -11.46 -10.54 -9.13
C VAL A 611 -12.80 -10.84 -8.48
N TYR A 612 -13.21 -10.03 -7.50
CA TYR A 612 -14.50 -10.25 -6.84
C TYR A 612 -15.63 -10.02 -7.85
N GLY A 613 -15.46 -9.03 -8.72
CA GLY A 613 -16.48 -8.75 -9.73
C GLY A 613 -16.69 -9.95 -10.65
N LYS A 614 -15.61 -10.62 -11.02
CA LYS A 614 -15.69 -11.80 -11.89
C LYS A 614 -16.44 -12.93 -11.21
N LYS A 615 -16.31 -13.03 -9.88
CA LYS A 615 -16.97 -14.10 -9.13
C LYS A 615 -18.32 -13.71 -8.56
N THR A 616 -18.83 -12.53 -8.89
CA THR A 616 -20.11 -12.08 -8.35
C THR A 616 -21.16 -11.96 -9.46
N GLY A 617 -22.34 -12.50 -9.20
CA GLY A 617 -23.41 -12.44 -10.20
C GLY A 617 -24.07 -11.09 -10.29
N ASN A 618 -25.20 -11.04 -11.00
CA ASN A 618 -25.95 -9.81 -11.17
C ASN A 618 -26.39 -9.27 -9.81
N THR A 619 -26.22 -7.96 -9.61
CA THR A 619 -26.61 -7.33 -8.35
C THR A 619 -27.78 -6.36 -8.54
N PRO A 620 -28.52 -6.07 -7.46
CA PRO A 620 -29.69 -5.16 -7.44
C PRO A 620 -29.49 -3.77 -8.04
N ASP A 621 -28.26 -3.27 -8.06
CA ASP A 621 -28.00 -1.95 -8.61
C ASP A 621 -28.03 -1.96 -10.13
N GLY A 622 -28.00 -3.15 -10.72
CA GLY A 622 -28.04 -3.24 -12.17
C GLY A 622 -26.72 -3.70 -12.77
N ARG A 623 -25.68 -3.81 -11.94
CA ARG A 623 -24.39 -4.28 -12.41
C ARG A 623 -24.55 -5.71 -12.93
N ARG A 624 -23.92 -6.02 -14.07
CA ARG A 624 -24.03 -7.35 -14.65
C ARG A 624 -23.02 -8.33 -14.06
N ALA A 625 -23.39 -9.61 -14.02
CA ALA A 625 -22.54 -10.66 -13.49
C ALA A 625 -21.17 -10.59 -14.15
N GLY A 626 -20.12 -10.82 -13.36
CA GLY A 626 -18.76 -10.79 -13.89
C GLY A 626 -18.12 -9.42 -14.04
N ALA A 627 -18.90 -8.36 -13.98
CA ALA A 627 -18.35 -7.01 -14.14
C ALA A 627 -17.57 -6.54 -12.90
N PRO A 628 -16.50 -5.77 -13.11
CA PRO A 628 -15.67 -5.25 -12.01
C PRO A 628 -16.43 -4.31 -11.09
N PHE A 629 -16.02 -4.27 -9.82
CA PHE A 629 -16.63 -3.33 -8.89
C PHE A 629 -15.79 -2.08 -9.13
N GLY A 630 -16.09 -0.99 -8.43
CA GLY A 630 -15.27 0.19 -8.59
C GLY A 630 -13.99 0.00 -7.79
N PRO A 631 -12.91 0.73 -8.10
CA PRO A 631 -11.70 0.53 -7.30
C PRO A 631 -11.91 1.21 -5.95
N GLY A 632 -11.46 0.58 -4.88
CA GLY A 632 -11.60 1.18 -3.56
C GLY A 632 -12.98 1.70 -3.19
N ALA A 633 -13.05 2.98 -2.84
CA ALA A 633 -14.31 3.61 -2.46
C ALA A 633 -14.97 4.34 -3.63
N ASN A 634 -14.48 4.10 -4.83
CA ASN A 634 -15.03 4.77 -6.00
C ASN A 634 -16.47 4.46 -6.34
N PRO A 635 -17.15 5.44 -6.95
CA PRO A 635 -18.53 5.23 -7.37
C PRO A 635 -18.35 4.17 -8.46
N MET A 636 -19.38 3.42 -8.79
CA MET A 636 -19.25 2.41 -9.86
C MET A 636 -18.99 3.13 -11.20
N HIS A 637 -18.26 2.46 -12.09
CA HIS A 637 -17.87 2.99 -13.39
C HIS A 637 -18.93 3.85 -14.08
N GLY A 638 -18.59 5.11 -14.31
CA GLY A 638 -19.49 6.03 -14.99
C GLY A 638 -20.77 6.48 -14.30
N ARG A 639 -20.97 6.11 -13.04
CA ARG A 639 -22.19 6.52 -12.34
C ARG A 639 -22.09 7.91 -11.72
N ASP A 640 -20.89 8.38 -11.43
CA ASP A 640 -20.74 9.73 -10.90
C ASP A 640 -20.75 10.62 -12.14
N GLN A 641 -21.89 11.24 -12.39
CA GLN A 641 -22.09 12.07 -13.57
C GLN A 641 -22.37 13.55 -13.35
N LYS A 642 -22.21 14.04 -12.12
CA LYS A 642 -22.46 15.45 -11.85
C LYS A 642 -21.21 16.32 -11.70
N GLY A 643 -20.05 15.80 -12.07
CA GLY A 643 -18.84 16.60 -11.97
C GLY A 643 -17.93 16.26 -10.82
N ALA A 644 -16.74 16.86 -10.83
CA ALA A 644 -15.72 16.63 -9.80
C ALA A 644 -16.15 16.98 -8.38
N VAL A 645 -16.64 18.20 -8.18
CA VAL A 645 -17.04 18.61 -6.84
C VAL A 645 -18.05 17.63 -6.25
N ALA A 646 -19.03 17.23 -7.05
CA ALA A 646 -20.06 16.31 -6.57
C ALA A 646 -19.51 14.94 -6.14
N SER A 647 -18.64 14.34 -6.96
CA SER A 647 -18.09 13.04 -6.61
C SER A 647 -17.10 13.16 -5.45
N LEU A 648 -16.27 14.19 -5.46
CA LEU A 648 -15.33 14.40 -4.36
C LEU A 648 -16.11 14.57 -3.05
N THR A 649 -17.27 15.23 -3.14
CA THR A 649 -18.09 15.45 -1.95
C THR A 649 -18.67 14.14 -1.41
N SER A 650 -19.15 13.28 -2.30
CA SER A 650 -19.71 12.00 -1.86
C SER A 650 -18.65 11.16 -1.12
N VAL A 651 -17.46 11.08 -1.72
CA VAL A 651 -16.39 10.30 -1.13
C VAL A 651 -15.89 10.86 0.18
N ALA A 652 -15.77 12.19 0.27
CA ALA A 652 -15.32 12.83 1.50
C ALA A 652 -16.27 12.53 2.66
N LYS A 653 -17.52 12.22 2.35
CA LYS A 653 -18.49 11.89 3.40
C LYS A 653 -18.20 10.57 4.10
N LEU A 654 -17.54 9.63 3.42
CA LEU A 654 -17.22 8.35 4.04
C LEU A 654 -16.35 8.68 5.26
N PRO A 655 -16.71 8.13 6.44
CA PRO A 655 -16.03 8.37 7.70
C PRO A 655 -14.70 7.68 7.99
N PHE A 656 -13.63 8.44 7.97
CA PHE A 656 -12.31 7.92 8.27
C PHE A 656 -12.39 7.42 9.72
N ALA A 657 -13.31 8.02 10.49
CA ALA A 657 -13.51 7.64 11.89
C ALA A 657 -13.80 6.16 12.04
N TYR A 658 -14.41 5.58 11.00
CA TYR A 658 -14.74 4.16 11.03
C TYR A 658 -13.98 3.36 9.97
N ALA A 659 -12.96 3.98 9.39
CA ALA A 659 -12.15 3.32 8.37
C ALA A 659 -10.73 3.88 8.52
N LYS A 660 -10.14 3.63 9.68
CA LYS A 660 -8.81 4.13 10.00
C LYS A 660 -7.68 3.54 9.15
N ASP A 661 -7.97 2.46 8.43
CA ASP A 661 -6.96 1.85 7.59
C ASP A 661 -6.93 2.56 6.23
N GLY A 662 -7.86 3.50 6.02
CA GLY A 662 -7.87 4.26 4.78
C GLY A 662 -9.07 4.13 3.87
N ILE A 663 -9.31 5.17 3.05
CA ILE A 663 -10.43 5.21 2.12
C ILE A 663 -9.87 5.66 0.75
N SER A 664 -9.73 4.73 -0.18
CA SER A 664 -9.16 5.02 -1.50
C SER A 664 -10.10 5.56 -2.58
N TYR A 665 -9.71 6.68 -3.19
CA TYR A 665 -10.50 7.28 -4.27
C TYR A 665 -9.61 7.61 -5.46
N THR A 666 -9.97 7.08 -6.63
CA THR A 666 -9.21 7.31 -7.86
C THR A 666 -9.98 8.29 -8.72
N PHE A 667 -9.43 9.50 -8.83
CA PHE A 667 -10.02 10.61 -9.56
C PHE A 667 -9.26 10.87 -10.87
N SER A 668 -9.98 10.79 -11.99
CA SER A 668 -9.38 11.04 -13.31
C SER A 668 -10.15 12.17 -13.96
N ILE A 669 -9.45 13.24 -14.35
CA ILE A 669 -10.09 14.37 -14.98
C ILE A 669 -9.40 14.74 -16.30
N VAL A 670 -10.19 15.07 -17.32
CA VAL A 670 -9.62 15.43 -18.61
C VAL A 670 -8.99 16.81 -18.47
N PRO A 671 -7.84 17.04 -19.12
CA PRO A 671 -7.14 18.33 -19.06
C PRO A 671 -7.99 19.59 -19.21
N ASN A 672 -8.81 19.65 -20.25
CA ASN A 672 -9.61 20.84 -20.48
C ASN A 672 -10.73 21.07 -19.47
N ALA A 673 -11.10 20.03 -18.73
CA ALA A 673 -12.15 20.18 -17.72
C ALA A 673 -11.47 20.81 -16.50
N LEU A 674 -10.21 20.47 -16.32
CA LEU A 674 -9.44 20.96 -15.19
C LEU A 674 -9.08 22.44 -15.33
N GLY A 675 -8.90 22.90 -16.57
CA GLY A 675 -8.54 24.29 -16.81
C GLY A 675 -8.20 24.58 -18.25
N LYS A 676 -8.24 25.85 -18.63
CA LYS A 676 -7.96 26.25 -20.00
C LYS A 676 -6.50 26.16 -20.42
N ASP A 677 -5.59 26.38 -19.47
CA ASP A 677 -4.16 26.32 -19.73
C ASP A 677 -3.40 25.78 -18.52
N ASP A 678 -2.09 25.61 -18.67
CA ASP A 678 -1.25 25.07 -17.60
C ASP A 678 -1.39 25.74 -16.24
N GLU A 679 -1.17 27.05 -16.19
CA GLU A 679 -1.26 27.80 -14.94
C GLU A 679 -2.60 27.69 -14.25
N VAL A 680 -3.68 27.77 -15.01
CA VAL A 680 -5.02 27.68 -14.45
C VAL A 680 -5.31 26.28 -13.95
N ARG A 681 -4.78 25.27 -14.64
CA ARG A 681 -4.99 23.89 -14.24
C ARG A 681 -4.33 23.63 -12.89
N LYS A 682 -3.13 24.16 -12.70
CA LYS A 682 -2.40 24.00 -11.44
C LYS A 682 -3.18 24.64 -10.30
N THR A 683 -3.63 25.87 -10.52
CA THR A 683 -4.41 26.59 -9.52
C THR A 683 -5.70 25.85 -9.20
N ASN A 684 -6.43 25.43 -10.23
CA ASN A 684 -7.68 24.71 -10.05
C ASN A 684 -7.54 23.35 -9.37
N LEU A 685 -6.47 22.62 -9.70
CA LEU A 685 -6.26 21.31 -9.09
C LEU A 685 -5.96 21.51 -7.62
N ALA A 686 -5.08 22.45 -7.31
CA ALA A 686 -4.73 22.73 -5.92
C ALA A 686 -5.99 23.18 -5.18
N GLY A 687 -6.83 23.94 -5.86
CA GLY A 687 -8.07 24.42 -5.26
C GLY A 687 -9.04 23.28 -4.98
N LEU A 688 -9.17 22.35 -5.91
CA LEU A 688 -10.06 21.20 -5.74
C LEU A 688 -9.62 20.36 -4.55
N MET A 689 -8.31 20.16 -4.43
CA MET A 689 -7.80 19.35 -3.33
C MET A 689 -7.94 20.07 -2.00
N ASP A 690 -7.73 21.38 -1.98
CA ASP A 690 -7.91 22.13 -0.73
C ASP A 690 -9.35 21.94 -0.25
N GLY A 691 -10.29 21.96 -1.19
CA GLY A 691 -11.69 21.80 -0.83
C GLY A 691 -12.03 20.39 -0.36
N TYR A 692 -11.50 19.40 -1.06
CA TYR A 692 -11.74 17.99 -0.73
C TYR A 692 -11.15 17.64 0.62
N PHE A 693 -9.93 18.09 0.87
CA PHE A 693 -9.23 17.81 2.12
C PHE A 693 -9.58 18.79 3.25
N HIS A 694 -10.33 19.85 2.94
CA HIS A 694 -10.66 20.82 3.98
C HIS A 694 -11.14 20.14 5.26
N HIS A 695 -10.49 20.47 6.37
CA HIS A 695 -10.78 19.89 7.67
C HIS A 695 -11.01 20.93 8.76
N GLU A 696 -12.06 20.74 9.53
CA GLU A 696 -12.32 21.59 10.68
C GLU A 696 -13.03 20.72 11.69
N ALA A 697 -13.32 21.26 12.87
CA ALA A 697 -13.96 20.47 13.92
C ALA A 697 -15.16 19.67 13.43
N SER A 698 -16.00 20.31 12.61
CA SER A 698 -17.21 19.65 12.12
C SER A 698 -17.11 19.01 10.74
N ILE A 699 -15.96 19.13 10.10
CA ILE A 699 -15.77 18.56 8.77
C ILE A 699 -14.50 17.72 8.70
N GLU A 700 -14.67 16.41 8.52
CA GLU A 700 -13.53 15.50 8.49
C GLU A 700 -12.65 15.71 7.27
N GLY A 701 -13.28 15.79 6.10
CA GLY A 701 -12.55 15.97 4.86
C GLY A 701 -12.27 14.60 4.26
N GLY A 702 -11.87 14.57 2.99
CA GLY A 702 -11.54 13.30 2.37
C GLY A 702 -10.20 12.83 2.91
N GLN A 703 -9.89 11.55 2.79
CA GLN A 703 -8.63 11.03 3.31
C GLN A 703 -7.56 10.83 2.27
N HIS A 704 -7.96 10.42 1.07
CA HIS A 704 -7.01 10.14 0.00
C HIS A 704 -7.52 10.49 -1.39
N LEU A 705 -6.60 10.82 -2.28
CA LEU A 705 -6.95 11.13 -3.66
C LEU A 705 -5.87 10.76 -4.66
N ASN A 706 -6.19 9.86 -5.58
CA ASN A 706 -5.29 9.51 -6.67
C ASN A 706 -5.67 10.56 -7.72
N VAL A 707 -4.70 11.15 -8.42
CA VAL A 707 -5.04 12.12 -9.44
C VAL A 707 -4.47 11.79 -10.81
N ASN A 708 -5.37 11.54 -11.77
CA ASN A 708 -4.96 11.29 -13.15
C ASN A 708 -5.47 12.47 -13.96
N VAL A 709 -4.61 13.04 -14.78
CA VAL A 709 -5.01 14.15 -15.64
C VAL A 709 -4.72 13.65 -17.05
N MET A 710 -5.72 13.06 -17.68
CA MET A 710 -5.54 12.52 -19.03
C MET A 710 -6.83 12.43 -19.82
N ASN A 711 -6.66 12.27 -21.13
CA ASN A 711 -7.77 12.11 -22.06
C ASN A 711 -7.88 10.61 -22.33
N ARG A 712 -9.10 10.09 -22.30
CA ARG A 712 -9.35 8.68 -22.53
C ARG A 712 -8.80 8.26 -23.90
N GLU A 713 -8.86 9.17 -24.86
CA GLU A 713 -8.39 8.92 -26.21
C GLU A 713 -6.92 8.52 -26.23
N MET A 714 -6.14 9.10 -25.31
CA MET A 714 -4.72 8.79 -25.25
C MET A 714 -4.49 7.36 -24.75
N LEU A 715 -5.30 6.91 -23.80
CA LEU A 715 -5.16 5.55 -23.29
C LEU A 715 -5.52 4.56 -24.39
N LEU A 716 -6.53 4.88 -25.19
CA LEU A 716 -6.91 4.00 -26.28
C LEU A 716 -5.74 3.86 -27.25
N ASP A 717 -5.05 4.96 -27.51
CA ASP A 717 -3.90 4.92 -28.41
C ASP A 717 -2.80 4.03 -27.83
N ALA A 718 -2.63 4.11 -26.51
CA ALA A 718 -1.61 3.30 -25.83
C ALA A 718 -1.97 1.81 -25.86
N MET A 719 -3.27 1.50 -25.80
CA MET A 719 -3.71 0.11 -25.84
C MET A 719 -3.38 -0.50 -27.20
N GLU A 720 -3.42 0.33 -28.24
CA GLU A 720 -3.16 -0.11 -29.60
C GLU A 720 -1.67 -0.05 -29.96
N ASN A 721 -0.97 0.93 -29.41
CA ASN A 721 0.45 1.11 -29.70
C ASN A 721 1.25 1.27 -28.42
N PRO A 722 1.41 0.19 -27.65
CA PRO A 722 2.16 0.22 -26.39
C PRO A 722 3.61 0.70 -26.52
N GLU A 723 4.26 0.36 -27.63
CA GLU A 723 5.64 0.76 -27.82
C GLU A 723 5.83 2.29 -27.78
N LYS A 724 4.73 3.01 -28.01
CA LYS A 724 4.77 4.46 -28.02
C LYS A 724 4.73 5.08 -26.62
N TYR A 725 4.28 4.28 -25.64
CA TYR A 725 4.17 4.78 -24.26
C TYR A 725 4.88 3.89 -23.24
N PRO A 726 6.20 3.68 -23.40
CA PRO A 726 6.94 2.83 -22.46
C PRO A 726 6.90 3.20 -20.98
N GLN A 727 6.82 4.49 -20.67
CA GLN A 727 6.78 4.92 -19.27
C GLN A 727 5.42 5.48 -18.81
N LEU A 728 4.41 5.41 -19.68
CA LEU A 728 3.08 5.91 -19.33
C LEU A 728 2.62 5.26 -18.02
N THR A 729 2.37 6.12 -17.03
CA THR A 729 1.95 5.70 -15.70
C THR A 729 0.57 6.24 -15.37
N ILE A 730 -0.23 5.44 -14.66
CA ILE A 730 -1.58 5.85 -14.28
C ILE A 730 -1.90 5.35 -12.87
N ARG A 731 -2.66 6.16 -12.12
CA ARG A 731 -3.07 5.81 -10.75
C ARG A 731 -4.29 4.90 -10.91
N VAL A 732 -4.32 3.77 -10.18
CA VAL A 732 -5.44 2.84 -10.33
C VAL A 732 -6.20 2.33 -9.11
N SER A 733 -5.71 2.56 -7.89
CA SER A 733 -6.41 2.06 -6.72
C SER A 733 -5.83 2.54 -5.40
N GLY A 734 -4.79 3.36 -5.49
CA GLY A 734 -4.11 3.87 -4.30
C GLY A 734 -2.62 3.69 -4.53
N TYR A 735 -2.31 3.37 -5.79
CA TYR A 735 -0.96 3.16 -6.25
C TYR A 735 -1.00 3.33 -7.76
N ALA A 736 0.16 3.32 -8.40
CA ALA A 736 0.22 3.50 -9.83
C ALA A 736 0.77 2.26 -10.53
N VAL A 737 0.56 2.18 -11.84
CA VAL A 737 1.09 1.07 -12.62
C VAL A 737 1.50 1.65 -13.97
N ARG A 738 2.41 0.99 -14.67
CA ARG A 738 2.73 1.45 -16.01
C ARG A 738 1.55 0.86 -16.78
N PHE A 739 0.90 1.67 -17.61
CA PHE A 739 -0.25 1.18 -18.36
C PHE A 739 0.03 -0.13 -19.11
N ASN A 740 1.22 -0.26 -19.68
CA ASN A 740 1.60 -1.45 -20.42
C ASN A 740 1.82 -2.71 -19.57
N SER A 741 1.92 -2.56 -18.25
CA SER A 741 2.14 -3.72 -17.37
C SER A 741 0.85 -4.49 -17.08
N LEU A 742 -0.29 -3.93 -17.47
CA LEU A 742 -1.58 -4.56 -17.21
C LEU A 742 -2.00 -5.57 -18.27
N THR A 743 -2.87 -6.50 -17.88
CA THR A 743 -3.39 -7.47 -18.84
C THR A 743 -4.47 -6.70 -19.59
N LYS A 744 -4.92 -7.23 -20.72
CA LYS A 744 -5.96 -6.56 -21.50
C LYS A 744 -7.23 -6.39 -20.67
N GLU A 745 -7.59 -7.42 -19.91
CA GLU A 745 -8.80 -7.37 -19.08
C GLU A 745 -8.67 -6.24 -18.04
N GLN A 746 -7.49 -6.10 -17.46
CA GLN A 746 -7.29 -5.05 -16.46
C GLN A 746 -7.29 -3.69 -17.13
N GLN A 747 -6.85 -3.62 -18.38
CA GLN A 747 -6.85 -2.34 -19.09
C GLN A 747 -8.30 -1.96 -19.39
N GLN A 748 -9.14 -2.95 -19.69
CA GLN A 748 -10.53 -2.69 -19.99
C GLN A 748 -11.25 -2.12 -18.75
N ASP A 749 -10.85 -2.58 -17.57
CA ASP A 749 -11.43 -2.08 -16.33
C ASP A 749 -11.10 -0.59 -16.25
N VAL A 750 -9.80 -0.29 -16.35
CA VAL A 750 -9.30 1.07 -16.28
C VAL A 750 -9.91 2.05 -17.31
N ILE A 751 -9.99 1.63 -18.57
CA ILE A 751 -10.51 2.51 -19.60
C ILE A 751 -12.01 2.76 -19.52
N THR A 752 -12.75 1.92 -18.81
CA THR A 752 -14.19 2.11 -18.70
C THR A 752 -14.59 2.82 -17.41
N ARG A 753 -13.60 3.28 -16.65
CA ARG A 753 -13.87 4.00 -15.40
C ARG A 753 -14.27 5.43 -15.76
N THR A 754 -14.64 6.21 -14.74
CA THR A 754 -15.06 7.57 -14.97
C THR A 754 -13.94 8.54 -15.30
N PHE A 755 -14.11 9.27 -16.38
CA PHE A 755 -13.16 10.31 -16.76
C PHE A 755 -13.99 11.55 -16.59
N THR A 756 -13.77 12.25 -15.47
CA THR A 756 -14.51 13.44 -15.14
C THR A 756 -14.38 14.52 -16.22
N GLN A 757 -15.53 14.99 -16.69
CA GLN A 757 -15.60 15.98 -17.75
C GLN A 757 -15.95 17.39 -17.28
N SER A 758 -16.17 17.57 -15.99
CA SER A 758 -16.51 18.90 -15.49
C SER A 758 -16.29 19.02 -14.00
N MET A 759 -16.30 20.25 -13.50
CA MET A 759 -16.15 20.50 -12.08
C MET A 759 -17.51 20.19 -11.47
#